data_2JBV
#
_entry.id   2JBV
#
_cell.length_a   84.355
_cell.length_b   84.355
_cell.length_c   343.450
_cell.angle_alpha   90.00
_cell.angle_beta   90.00
_cell.angle_gamma   90.00
#
_symmetry.space_group_name_H-M   'P 43 21 2'
#
loop_
_entity.id
_entity.type
_entity.pdbx_description
1 polymer 'CHOLINE OXIDASE'
2 non-polymer '[(2R,3S,4R,5R)-5-(6-amino-9H-purin-9-yl)-3,4-dihydroxytetrahydrofuran-2-yl]methyl (2R,3S,4S)-5-[(4aS,10aR)-7,8-dimethyl-2,4-dioxo-1,3,4,4a,5,10a-hexahydrobenzo[g]pteridin-10(2H)-yl]-2,3,4-trihydroxypentyl dihydrogen diphosphate'
3 non-polymer 'DIMETHYL SULFOXIDE'
4 non-polymer 'UNKNOWN ATOM OR ION'
5 water water
#
_entity_poly.entity_id   1
_entity_poly.type   'polypeptide(L)'
_entity_poly.pdbx_seq_one_letter_code
;MHIDNIENLSDREFDYIVVGGGSAGAAVAARLSEDPAVSVALVEAGPDDRGVPEVLQLDRWMELLESGYDWDYPIEPQEN
GNSFMRHARAKVMGGCSSHNSCIAFWAPREDLDEWEAKYGATGWNAEAAWPLYKRLETNEDAGPDAPHHGDSGPVHLMNV
PPKDPTGVALLDACEQAGIPRAKFNTGTTVVNGANFFQINRRADGTRSSSSVSYIHPIVEQENFTLLTGLRARQLVFDAD
RRCTGVDIVDSAFGHTHRLTARNEVVLSTGAIDTPKLLMLSGIGPAAHLAEHGIEVLVDSPGVGEHLQDHPEGVVQFEAK
QPMVAESTQWWEIGIFTPTEDGLDRPDLMMHYGSVPFDMNTLRHGYPTTENGFSLTPNVTHARSRGTVRLRSRDFRDKPM
VDPRYFTDPEGHDMRVMVAGIRKAREIAAQPAMAEWTGRELSPGVEAQTDEELQDYIRKTHNTVYHPVGTVRMGAVEDEM
SPLDPELRVKGVTGLRVADASVMPEHVTVNPNITVMMIGERCADLIRSARAGETTTADAELSAALA
;
_entity_poly.pdbx_strand_id   A,B
#
# COMPACT_ATOMS: atom_id res chain seq x y z
N MET A 1 17.36 -13.27 20.58
CA MET A 1 15.92 -13.06 20.89
C MET A 1 15.24 -12.15 19.85
N HIS A 2 13.96 -12.40 19.68
CA HIS A 2 13.11 -11.62 18.82
C HIS A 2 12.29 -10.68 19.69
N ILE A 3 12.47 -9.39 19.44
CA ILE A 3 11.69 -8.33 20.08
C ILE A 3 10.66 -7.82 19.08
N ASP A 4 9.40 -7.98 19.41
CA ASP A 4 8.37 -7.40 18.56
C ASP A 4 7.58 -6.30 19.28
N ASN A 5 7.92 -6.08 20.54
CA ASN A 5 7.49 -4.87 21.26
C ASN A 5 8.67 -4.13 21.88
N ILE A 6 9.07 -3.03 21.22
CA ILE A 6 10.23 -2.22 21.61
C ILE A 6 10.11 -1.70 23.05
N GLU A 7 8.89 -1.51 23.52
CA GLU A 7 8.68 -1.02 24.89
C GLU A 7 9.25 -1.96 25.94
N ASN A 8 9.46 -3.23 25.59
CA ASN A 8 10.04 -4.22 26.51
C ASN A 8 11.54 -4.42 26.38
N LEU A 9 12.18 -3.74 25.40
CA LEU A 9 13.64 -3.78 25.33
C LEU A 9 14.22 -2.73 26.25
N SER A 10 14.92 -3.17 27.30
CA SER A 10 15.50 -2.24 28.25
C SER A 10 16.91 -1.81 27.88
N ASP A 11 17.71 -2.75 27.40
CA ASP A 11 19.07 -2.47 27.01
C ASP A 11 19.10 -2.36 25.49
N ARG A 12 19.31 -1.13 25.05
CA ARG A 12 19.16 -0.74 23.65
C ARG A 12 20.50 -0.39 23.06
N GLU A 13 21.57 -0.77 23.76
CA GLU A 13 22.91 -0.55 23.26
C GLU A 13 23.57 -1.88 22.82
N PHE A 14 24.17 -1.86 21.63
CA PHE A 14 24.75 -3.06 21.01
C PHE A 14 26.11 -2.69 20.48
N ASP A 15 26.94 -3.69 20.15
CA ASP A 15 28.19 -3.37 19.45
C ASP A 15 27.91 -2.95 18.03
N TYR A 16 27.04 -3.68 17.33
CA TYR A 16 26.67 -3.33 15.95
C TYR A 16 25.13 -3.28 15.74
N ILE A 17 24.67 -2.33 14.93
CA ILE A 17 23.28 -2.29 14.54
C ILE A 17 23.23 -2.33 13.03
N VAL A 18 22.45 -3.29 12.52
CA VAL A 18 22.18 -3.33 11.09
C VAL A 18 20.76 -2.85 10.89
N VAL A 19 20.59 -1.85 10.04
CA VAL A 19 19.26 -1.32 9.72
C VAL A 19 18.78 -1.85 8.36
N GLY A 20 17.77 -2.72 8.38
CA GLY A 20 17.17 -3.29 7.16
C GLY A 20 17.47 -4.77 7.09
N GLY A 21 16.43 -5.59 7.28
CA GLY A 21 16.64 -7.05 7.33
C GLY A 21 16.52 -7.72 5.97
N GLY A 22 17.12 -7.11 4.95
CA GLY A 22 16.93 -7.58 3.58
C GLY A 22 18.02 -8.51 3.10
N SER A 23 18.20 -8.58 1.77
CA SER A 23 19.21 -9.47 1.17
C SER A 23 20.60 -9.31 1.79
N ALA A 24 21.10 -8.07 1.81
CA ALA A 24 22.42 -7.80 2.36
C ALA A 24 22.37 -7.73 3.90
N GLY A 25 21.36 -7.05 4.46
CA GLY A 25 21.33 -6.72 5.89
C GLY A 25 21.33 -7.97 6.74
N ALA A 26 20.50 -8.94 6.35
CA ALA A 26 20.39 -10.20 7.09
C ALA A 26 21.73 -10.93 7.11
N ALA A 27 22.41 -10.91 5.98
CA ALA A 27 23.72 -11.55 5.89
C ALA A 27 24.74 -10.84 6.79
N VAL A 28 24.79 -9.51 6.77
CA VAL A 28 25.75 -8.79 7.60
C VAL A 28 25.54 -9.10 9.09
N ALA A 29 24.29 -9.03 9.51
CA ALA A 29 23.93 -9.20 10.91
C ALA A 29 24.25 -10.62 11.37
N ALA A 30 23.93 -11.61 10.52
CA ALA A 30 24.24 -12.99 10.90
C ALA A 30 25.74 -13.26 10.98
N ARG A 31 26.52 -12.71 10.06
CA ARG A 31 27.94 -12.97 10.06
C ARG A 31 28.59 -12.26 11.25
N LEU A 32 28.18 -11.04 11.56
CA LEU A 32 28.79 -10.36 12.72
C LEU A 32 28.48 -11.12 14.01
N SER A 33 27.33 -11.77 14.06
CA SER A 33 26.89 -12.47 15.28
C SER A 33 27.62 -13.80 15.52
N GLU A 34 28.43 -14.24 14.56
CA GLU A 34 29.12 -15.52 14.66
C GLU A 34 30.19 -15.49 15.76
N ASP A 35 30.61 -14.28 16.15
CA ASP A 35 31.46 -14.12 17.31
C ASP A 35 30.58 -13.90 18.53
N PRO A 36 30.55 -14.87 19.46
CA PRO A 36 29.66 -14.78 20.62
C PRO A 36 29.95 -13.59 21.53
N ALA A 37 31.13 -12.99 21.41
CA ALA A 37 31.46 -11.85 22.24
C ALA A 37 30.95 -10.52 21.65
N VAL A 38 30.39 -10.58 20.46
CA VAL A 38 29.92 -9.40 19.76
C VAL A 38 28.39 -9.36 19.81
N SER A 39 27.83 -8.22 20.24
CA SER A 39 26.38 -8.13 20.29
C SER A 39 25.85 -7.37 19.04
N VAL A 40 24.80 -7.91 18.42
CA VAL A 40 24.29 -7.41 17.15
C VAL A 40 22.77 -7.23 17.20
N ALA A 41 22.27 -6.08 16.75
CA ALA A 41 20.83 -5.84 16.62
C ALA A 41 20.52 -5.72 15.13
N LEU A 42 19.46 -6.37 14.66
CA LEU A 42 19.00 -6.25 13.28
C LEU A 42 17.59 -5.65 13.39
N VAL A 43 17.41 -4.46 12.82
CA VAL A 43 16.14 -3.69 12.88
C VAL A 43 15.46 -3.71 11.51
N GLU A 44 14.19 -4.13 11.46
CA GLU A 44 13.47 -4.27 10.19
C GLU A 44 12.07 -3.64 10.32
N ALA A 45 11.66 -2.86 9.31
CA ALA A 45 10.33 -2.22 9.40
C ALA A 45 9.13 -3.17 9.25
N GLY A 46 9.29 -4.18 8.42
CA GLY A 46 8.23 -5.16 8.19
C GLY A 46 8.19 -6.25 9.27
N PRO A 47 7.18 -7.13 9.18
CA PRO A 47 7.07 -8.23 10.15
C PRO A 47 8.09 -9.36 9.97
N ASP A 48 8.20 -10.16 11.01
CA ASP A 48 8.82 -11.49 10.95
C ASP A 48 8.11 -12.27 9.83
N ASP A 49 8.88 -13.06 9.09
CA ASP A 49 8.35 -13.87 8.01
C ASP A 49 8.09 -15.30 8.46
N ARG A 50 8.52 -15.65 9.68
CA ARG A 50 8.37 -17.02 10.18
C ARG A 50 6.90 -17.40 10.21
N GLY A 51 6.61 -18.58 9.70
CA GLY A 51 5.25 -19.08 9.59
C GLY A 51 4.29 -18.33 8.69
N VAL A 52 4.78 -17.46 7.80
CA VAL A 52 3.90 -16.68 6.90
C VAL A 52 3.92 -17.32 5.50
N PRO A 53 2.89 -18.17 5.18
CA PRO A 53 2.93 -18.95 3.92
C PRO A 53 3.01 -18.14 2.62
N GLU A 54 2.29 -17.02 2.53
CA GLU A 54 2.34 -16.15 1.33
C GLU A 54 3.75 -15.67 0.99
N VAL A 55 4.59 -15.58 2.02
CA VAL A 55 5.94 -15.06 1.85
C VAL A 55 6.87 -16.25 1.63
N LEU A 56 6.70 -17.27 2.47
CA LEU A 56 7.59 -18.43 2.48
C LEU A 56 7.49 -19.28 1.21
N GLN A 57 6.28 -19.44 0.69
CA GLN A 57 6.07 -20.30 -0.46
C GLN A 57 6.38 -19.52 -1.72
N LEU A 58 7.51 -19.84 -2.35
CA LEU A 58 7.99 -19.09 -3.52
C LEU A 58 6.98 -18.94 -4.67
N ASP A 59 6.22 -19.99 -4.95
CA ASP A 59 5.37 -19.96 -6.14
C ASP A 59 4.17 -19.00 -6.02
N ARG A 60 4.00 -18.47 -4.81
CA ARG A 60 2.99 -17.46 -4.53
C ARG A 60 3.49 -16.00 -4.71
N TRP A 61 4.75 -15.80 -5.14
CA TRP A 61 5.38 -14.45 -5.09
C TRP A 61 4.67 -13.30 -5.82
N MET A 62 4.05 -13.60 -6.95
CA MET A 62 3.42 -12.57 -7.72
C MET A 62 2.24 -11.97 -6.97
N GLU A 63 1.67 -12.74 -6.03
CA GLU A 63 0.59 -12.23 -5.18
C GLU A 63 1.01 -11.13 -4.18
N LEU A 64 2.31 -11.03 -3.92
CA LEU A 64 2.84 -9.99 -3.00
C LEU A 64 2.94 -8.57 -3.61
N LEU A 65 2.92 -8.48 -4.94
CA LEU A 65 3.01 -7.16 -5.59
C LEU A 65 1.79 -6.34 -5.18
N GLU A 66 2.06 -5.17 -4.61
CA GLU A 66 1.05 -4.21 -4.18
C GLU A 66 0.23 -4.72 -3.00
N SER A 67 0.77 -5.69 -2.27
CA SER A 67 0.13 -6.20 -1.07
C SER A 67 0.60 -5.38 0.11
N GLY A 68 0.11 -5.73 1.29
CA GLY A 68 0.63 -5.16 2.53
C GLY A 68 2.08 -5.46 2.81
N TYR A 69 2.66 -6.42 2.09
CA TYR A 69 4.08 -6.69 2.15
C TYR A 69 4.91 -5.80 1.21
N ASP A 70 4.30 -4.81 0.57
CA ASP A 70 4.99 -4.01 -0.48
C ASP A 70 4.97 -2.55 -0.06
N TRP A 71 6.15 -1.92 0.04
CA TRP A 71 6.21 -0.47 0.30
C TRP A 71 5.50 0.28 -0.83
N ASP A 72 5.58 -0.28 -2.03
CA ASP A 72 4.87 0.19 -3.24
C ASP A 72 5.24 1.62 -3.65
N TYR A 73 6.33 1.73 -4.41
CA TYR A 73 6.86 3.04 -4.74
C TYR A 73 6.54 3.39 -6.20
N PRO A 74 5.50 4.21 -6.44
CA PRO A 74 5.31 4.60 -7.86
C PRO A 74 6.44 5.53 -8.30
N ILE A 75 6.74 5.57 -9.60
CA ILE A 75 7.80 6.45 -10.07
C ILE A 75 7.30 7.82 -10.49
N GLU A 76 8.20 8.79 -10.56
CA GLU A 76 7.87 10.11 -11.07
C GLU A 76 7.51 10.01 -12.57
N PRO A 77 6.73 10.99 -13.10
CA PRO A 77 6.41 11.00 -14.55
C PRO A 77 7.70 10.84 -15.36
N GLN A 78 7.65 9.92 -16.32
CA GLN A 78 8.84 9.60 -17.11
C GLN A 78 8.95 10.42 -18.39
N GLU A 79 10.11 10.99 -18.63
CA GLU A 79 10.37 11.73 -19.88
C GLU A 79 10.23 10.83 -21.12
N ASN A 80 10.73 9.60 -21.03
CA ASN A 80 10.70 8.71 -22.18
C ASN A 80 10.35 7.30 -21.77
N GLY A 81 9.41 7.17 -20.82
CA GLY A 81 9.11 5.89 -20.18
C GLY A 81 7.70 5.77 -19.65
N ASN A 82 7.47 4.70 -18.90
CA ASN A 82 6.15 4.33 -18.44
C ASN A 82 5.86 4.96 -17.07
N SER A 83 5.10 6.06 -17.06
CA SER A 83 4.79 6.76 -15.81
C SER A 83 3.90 5.98 -14.86
N PHE A 84 3.30 4.88 -15.34
CA PHE A 84 2.45 4.04 -14.51
C PHE A 84 3.22 2.93 -13.78
N MET A 85 4.50 2.80 -14.10
CA MET A 85 5.31 1.72 -13.53
C MET A 85 5.49 1.92 -12.02
N ARG A 86 5.59 0.82 -11.28
CA ARG A 86 5.78 0.92 -9.84
C ARG A 86 7.00 0.12 -9.42
N HIS A 87 7.83 0.69 -8.55
CA HIS A 87 8.92 -0.09 -7.95
C HIS A 87 8.41 -0.83 -6.72
N ALA A 88 7.99 -2.08 -6.92
CA ALA A 88 7.63 -2.91 -5.78
C ALA A 88 8.89 -3.13 -4.92
N ARG A 89 8.74 -2.97 -3.59
CA ARG A 89 9.84 -3.22 -2.64
C ARG A 89 9.24 -3.93 -1.45
N ALA A 90 9.82 -5.03 -1.00
CA ALA A 90 9.26 -5.79 0.12
C ALA A 90 9.44 -5.10 1.46
N LYS A 91 8.40 -5.20 2.28
CA LYS A 91 8.41 -4.71 3.67
C LYS A 91 8.15 -5.92 4.57
N VAL A 92 9.23 -6.65 4.86
CA VAL A 92 9.10 -7.92 5.58
C VAL A 92 10.53 -8.39 5.81
N MET A 93 10.76 -9.15 6.89
CA MET A 93 12.06 -9.78 7.10
C MET A 93 12.49 -10.51 5.84
N GLY A 94 13.76 -10.37 5.50
CA GLY A 94 14.31 -10.88 4.23
C GLY A 94 14.27 -9.84 3.12
N GLY A 95 13.52 -8.76 3.33
CA GLY A 95 13.44 -7.73 2.31
C GLY A 95 12.99 -8.31 0.98
N CYS A 96 13.57 -7.83 -0.12
CA CYS A 96 13.10 -8.27 -1.43
C CYS A 96 13.47 -9.74 -1.69
N SER A 97 14.45 -10.28 -0.98
CA SER A 97 14.67 -11.74 -1.03
C SER A 97 13.43 -12.53 -0.56
N SER A 98 12.52 -11.86 0.14
CA SER A 98 11.27 -12.48 0.59
C SER A 98 10.06 -12.23 -0.31
N HIS A 99 10.20 -11.38 -1.34
CA HIS A 99 9.09 -11.15 -2.27
C HIS A 99 9.41 -11.48 -3.73
N ASN A 100 10.64 -11.91 -3.99
CA ASN A 100 11.12 -12.03 -5.36
C ASN A 100 10.91 -13.42 -6.00
N SER A 101 11.43 -13.58 -7.22
CA SER A 101 11.24 -14.80 -8.01
C SER A 101 12.38 -15.78 -7.77
N CYS A 102 13.25 -15.43 -6.82
CA CYS A 102 14.38 -16.28 -6.43
C CYS A 102 15.34 -16.64 -7.55
N ILE A 103 15.39 -15.84 -8.63
CA ILE A 103 16.37 -16.15 -9.70
C ILE A 103 17.77 -15.90 -9.13
N ALA A 104 18.64 -16.90 -9.24
CA ALA A 104 19.90 -16.89 -8.53
C ALA A 104 21.09 -16.96 -9.50
N PHE A 105 21.88 -15.87 -9.53
CA PHE A 105 23.09 -15.76 -10.40
C PHE A 105 24.32 -15.26 -9.64
N TRP A 106 25.48 -15.85 -9.94
CA TRP A 106 26.75 -15.24 -9.64
C TRP A 106 26.90 -14.14 -10.67
N ALA A 107 27.40 -12.97 -10.29
CA ALA A 107 27.76 -11.94 -11.28
C ALA A 107 28.92 -12.38 -12.18
N PRO A 108 28.90 -11.95 -13.44
CA PRO A 108 30.07 -12.15 -14.29
C PRO A 108 31.35 -11.65 -13.64
N ARG A 109 32.44 -12.40 -13.76
CA ARG A 109 33.75 -11.95 -13.27
C ARG A 109 34.14 -10.61 -13.88
N GLU A 110 33.71 -10.36 -15.14
CA GLU A 110 34.09 -9.14 -15.86
C GLU A 110 33.43 -7.90 -15.24
N ASP A 111 32.19 -8.03 -14.79
CA ASP A 111 31.53 -6.98 -13.99
C ASP A 111 32.28 -6.67 -12.68
N LEU A 112 32.52 -7.69 -11.87
CA LEU A 112 33.13 -7.47 -10.55
C LEU A 112 34.57 -6.95 -10.66
N ASP A 113 35.32 -7.50 -11.60
CA ASP A 113 36.69 -7.05 -11.83
C ASP A 113 36.76 -5.57 -12.17
N GLU A 114 35.75 -5.08 -12.88
CA GLU A 114 35.66 -3.68 -13.25
C GLU A 114 35.33 -2.73 -12.10
N TRP A 115 34.69 -3.23 -11.04
CA TRP A 115 34.41 -2.36 -9.88
C TRP A 115 35.71 -1.74 -9.39
N GLU A 116 36.73 -2.57 -9.30
CA GLU A 116 38.06 -2.08 -8.88
C GLU A 116 38.78 -1.36 -10.03
N ALA A 117 38.86 -2.05 -11.16
CA ALA A 117 39.72 -1.61 -12.26
C ALA A 117 39.21 -0.37 -12.96
N LYS A 118 37.89 -0.22 -13.07
CA LYS A 118 37.30 0.90 -13.82
C LYS A 118 36.63 1.94 -12.89
N TYR A 119 36.05 1.48 -11.79
CA TYR A 119 35.21 2.35 -10.94
C TYR A 119 35.84 2.74 -9.58
N GLY A 120 37.12 2.43 -9.40
CA GLY A 120 37.86 2.89 -8.23
C GLY A 120 37.60 2.19 -6.92
N ALA A 121 36.81 1.11 -6.95
CA ALA A 121 36.43 0.40 -5.73
C ALA A 121 37.52 -0.62 -5.35
N THR A 122 38.61 -0.12 -4.77
CA THR A 122 39.76 -0.97 -4.44
C THR A 122 39.34 -2.22 -3.69
N GLY A 123 39.83 -3.38 -4.14
CA GLY A 123 39.56 -4.63 -3.41
C GLY A 123 38.32 -5.37 -3.84
N TRP A 124 37.44 -4.71 -4.60
CA TRP A 124 36.23 -5.36 -5.13
C TRP A 124 36.49 -5.92 -6.53
N ASN A 125 36.62 -7.24 -6.60
CA ASN A 125 36.90 -7.95 -7.85
C ASN A 125 36.42 -9.39 -7.72
N ALA A 126 36.57 -10.18 -8.77
CA ALA A 126 36.14 -11.57 -8.67
C ALA A 126 36.97 -12.39 -7.68
N GLU A 127 38.24 -12.02 -7.46
CA GLU A 127 39.04 -12.69 -6.46
C GLU A 127 38.41 -12.56 -5.06
N ALA A 128 37.83 -11.41 -4.75
CA ALA A 128 37.21 -11.24 -3.43
C ALA A 128 35.83 -11.89 -3.37
N ALA A 129 35.10 -11.83 -4.48
CA ALA A 129 33.72 -12.27 -4.52
C ALA A 129 33.56 -13.80 -4.64
N TRP A 130 34.44 -14.47 -5.40
CA TRP A 130 34.27 -15.93 -5.61
C TRP A 130 34.20 -16.73 -4.30
N PRO A 131 35.15 -16.50 -3.37
CA PRO A 131 35.04 -17.26 -2.11
C PRO A 131 33.77 -16.96 -1.28
N LEU A 132 33.19 -15.77 -1.46
CA LEU A 132 31.99 -15.34 -0.74
C LEU A 132 30.71 -15.94 -1.33
N TYR A 133 30.62 -15.97 -2.67
CA TYR A 133 29.57 -16.75 -3.32
C TYR A 133 29.62 -18.21 -2.82
N LYS A 134 30.82 -18.80 -2.78
CA LYS A 134 31.01 -20.17 -2.27
C LYS A 134 30.49 -20.31 -0.84
N ARG A 135 30.87 -19.35 0.01
CA ARG A 135 30.53 -19.39 1.44
C ARG A 135 29.03 -19.26 1.68
N LEU A 136 28.38 -18.41 0.89
CA LEU A 136 26.97 -18.13 1.13
C LEU A 136 26.06 -19.28 0.67
N GLU A 137 26.48 -20.09 -0.31
CA GLU A 137 25.56 -21.05 -0.92
C GLU A 137 25.74 -22.53 -0.55
N THR A 138 24.63 -23.27 -0.61
CA THR A 138 24.64 -24.71 -0.81
C THR A 138 24.01 -24.89 -2.20
N ASN A 139 24.86 -25.23 -3.17
CA ASN A 139 24.45 -25.31 -4.55
C ASN A 139 24.28 -26.77 -4.98
N GLU A 140 23.16 -27.09 -5.62
CA GLU A 140 22.94 -28.44 -6.17
C GLU A 140 24.11 -28.91 -7.07
N ASP A 141 24.76 -27.98 -7.77
CA ASP A 141 25.87 -28.32 -8.67
C ASP A 141 27.22 -28.46 -7.97
N ALA A 142 27.26 -28.33 -6.64
CA ALA A 142 28.53 -28.48 -5.90
C ALA A 142 29.10 -29.88 -6.10
N GLY A 143 30.42 -29.99 -6.03
CA GLY A 143 31.10 -31.27 -6.27
C GLY A 143 32.48 -31.05 -6.87
N PRO A 144 33.27 -32.14 -6.97
CA PRO A 144 34.63 -32.04 -7.48
C PRO A 144 34.72 -31.57 -8.96
N ASP A 145 33.64 -31.76 -9.73
CA ASP A 145 33.60 -31.26 -11.12
C ASP A 145 33.10 -29.81 -11.22
N ALA A 146 32.86 -29.17 -10.08
CA ALA A 146 32.50 -27.74 -10.03
C ALA A 146 32.95 -27.17 -8.68
N PRO A 147 34.28 -27.17 -8.45
CA PRO A 147 34.80 -26.91 -7.11
C PRO A 147 34.64 -25.45 -6.64
N HIS A 148 34.23 -24.55 -7.56
CA HIS A 148 33.95 -23.15 -7.16
C HIS A 148 32.70 -23.06 -6.29
N HIS A 149 31.80 -24.05 -6.45
CA HIS A 149 30.52 -24.05 -5.78
C HIS A 149 30.62 -24.33 -4.29
N GLY A 150 29.76 -23.68 -3.50
CA GLY A 150 29.60 -24.00 -2.08
C GLY A 150 28.66 -25.17 -1.91
N ASP A 151 28.94 -26.01 -0.93
CA ASP A 151 28.10 -27.16 -0.58
C ASP A 151 27.57 -27.06 0.87
N SER A 152 27.84 -25.94 1.54
CA SER A 152 27.60 -25.84 2.97
C SER A 152 26.94 -24.53 3.43
N GLY A 153 26.77 -23.59 2.51
CA GLY A 153 26.30 -22.25 2.88
C GLY A 153 24.83 -22.19 3.22
N PRO A 154 24.40 -21.09 3.89
CA PRO A 154 23.02 -20.95 4.34
C PRO A 154 21.98 -20.86 3.24
N VAL A 155 22.40 -20.36 2.06
CA VAL A 155 21.45 -20.07 0.97
C VAL A 155 21.43 -21.22 -0.04
N HIS A 156 20.34 -21.97 -0.06
CA HIS A 156 20.24 -23.16 -0.89
C HIS A 156 19.85 -22.79 -2.31
N LEU A 157 20.69 -23.15 -3.29
CA LEU A 157 20.36 -22.98 -4.71
C LEU A 157 20.13 -24.34 -5.38
N MET A 158 19.07 -24.44 -6.18
CA MET A 158 18.73 -25.65 -6.91
C MET A 158 18.47 -25.32 -8.36
N ASN A 159 18.58 -26.33 -9.22
CA ASN A 159 18.22 -26.14 -10.62
C ASN A 159 16.72 -26.25 -10.78
N VAL A 160 16.12 -25.39 -11.58
CA VAL A 160 14.71 -25.55 -11.90
C VAL A 160 14.60 -26.81 -12.81
N PRO A 161 13.80 -27.83 -12.41
CA PRO A 161 13.64 -29.05 -13.26
C PRO A 161 12.95 -28.71 -14.58
N PRO A 162 13.40 -29.33 -15.69
CA PRO A 162 12.82 -29.01 -17.01
C PRO A 162 11.45 -29.68 -17.29
N LYS A 163 10.49 -29.39 -16.43
CA LYS A 163 9.17 -30.02 -16.48
C LYS A 163 8.28 -29.32 -17.51
N ASP A 164 8.43 -28.00 -17.64
CA ASP A 164 7.56 -27.22 -18.51
C ASP A 164 7.83 -27.49 -20.00
N PRO A 165 6.88 -28.16 -20.70
CA PRO A 165 7.15 -28.48 -22.12
C PRO A 165 7.34 -27.27 -23.02
N THR A 166 6.66 -26.15 -22.72
CA THR A 166 6.86 -24.92 -23.51
C THR A 166 8.26 -24.36 -23.30
N GLY A 167 8.76 -24.50 -22.06
CA GLY A 167 10.14 -24.15 -21.71
C GLY A 167 11.15 -24.97 -22.49
N VAL A 168 10.99 -26.29 -22.47
CA VAL A 168 11.88 -27.19 -23.19
C VAL A 168 11.90 -26.81 -24.68
N ALA A 169 10.72 -26.55 -25.26
CA ALA A 169 10.59 -26.21 -26.67
C ALA A 169 11.21 -24.85 -26.95
N LEU A 170 11.07 -23.91 -26.01
CA LEU A 170 11.71 -22.61 -26.16
C LEU A 170 13.23 -22.73 -26.19
N LEU A 171 13.79 -23.58 -25.34
CA LEU A 171 15.23 -23.81 -25.39
C LEU A 171 15.63 -24.46 -26.74
N ASP A 172 14.84 -25.42 -27.21
CA ASP A 172 15.09 -26.02 -28.52
C ASP A 172 15.05 -24.94 -29.61
N ALA A 173 14.18 -23.94 -29.42
CA ALA A 173 13.99 -22.83 -30.36
C ALA A 173 15.17 -21.87 -30.30
N CYS A 174 15.65 -21.63 -29.07
CA CYS A 174 16.91 -20.90 -28.89
C CYS A 174 18.04 -21.55 -29.68
N GLU A 175 18.19 -22.86 -29.56
CA GLU A 175 19.27 -23.57 -30.28
C GLU A 175 19.17 -23.33 -31.78
N GLN A 176 17.95 -23.43 -32.31
CA GLN A 176 17.68 -23.18 -33.74
C GLN A 176 17.99 -21.76 -34.14
N ALA A 177 17.82 -20.80 -33.22
CA ALA A 177 18.19 -19.41 -33.49
C ALA A 177 19.70 -19.14 -33.24
N GLY A 178 20.47 -20.18 -32.93
CA GLY A 178 21.91 -20.03 -32.73
C GLY A 178 22.31 -19.67 -31.31
N ILE A 179 21.40 -19.92 -30.36
CA ILE A 179 21.64 -19.67 -28.94
C ILE A 179 21.68 -21.00 -28.23
N PRO A 180 22.89 -21.51 -27.93
CA PRO A 180 22.97 -22.85 -27.34
C PRO A 180 22.48 -22.92 -25.89
N ARG A 181 22.09 -24.11 -25.43
CA ARG A 181 21.88 -24.33 -24.01
C ARG A 181 23.22 -24.08 -23.30
N ALA A 182 23.17 -23.40 -22.16
CA ALA A 182 24.37 -23.11 -21.40
C ALA A 182 24.04 -23.29 -19.92
N LYS A 183 24.98 -23.85 -19.16
CA LYS A 183 24.82 -23.92 -17.72
C LYS A 183 25.08 -22.56 -17.08
N PHE A 184 24.29 -22.22 -16.07
CA PHE A 184 24.49 -20.95 -15.33
C PHE A 184 25.36 -21.21 -14.11
N ASN A 185 25.99 -20.14 -13.64
CA ASN A 185 26.78 -20.16 -12.41
C ASN A 185 27.99 -21.10 -12.43
N THR A 186 28.58 -21.26 -13.60
CA THR A 186 29.76 -22.13 -13.74
C THR A 186 31.08 -21.41 -13.41
N GLY A 187 31.01 -20.10 -13.20
CA GLY A 187 32.21 -19.28 -13.08
C GLY A 187 32.56 -18.63 -14.41
N THR A 188 32.03 -19.16 -15.52
CA THR A 188 32.27 -18.57 -16.82
C THR A 188 31.02 -17.87 -17.32
N THR A 189 31.17 -16.60 -17.70
CA THR A 189 30.05 -15.75 -18.10
C THR A 189 29.33 -16.34 -19.31
N VAL A 190 28.01 -16.39 -19.24
CA VAL A 190 27.21 -16.76 -20.41
C VAL A 190 26.93 -15.52 -21.27
N VAL A 191 27.57 -15.44 -22.43
CA VAL A 191 27.37 -14.30 -23.34
C VAL A 191 26.26 -14.62 -24.34
N ASN A 192 26.31 -15.84 -24.86
CA ASN A 192 25.31 -16.30 -25.81
C ASN A 192 24.84 -17.65 -25.34
N GLY A 193 23.65 -17.69 -24.70
CA GLY A 193 23.20 -18.98 -24.22
C GLY A 193 21.95 -18.87 -23.37
N ALA A 194 21.30 -20.01 -23.15
CA ALA A 194 20.02 -20.03 -22.43
C ALA A 194 19.79 -21.32 -21.64
N ASN A 195 18.94 -21.22 -20.61
CA ASN A 195 18.61 -22.39 -19.82
C ASN A 195 17.54 -22.10 -18.80
N PHE A 196 17.01 -23.16 -18.19
CA PHE A 196 16.30 -23.08 -16.91
C PHE A 196 17.25 -22.50 -15.83
N PHE A 197 16.74 -21.59 -15.00
CA PHE A 197 17.57 -20.96 -13.97
C PHE A 197 18.01 -21.89 -12.86
N GLN A 198 19.02 -21.44 -12.11
CA GLN A 198 19.13 -21.86 -10.72
C GLN A 198 18.29 -20.88 -9.91
N ILE A 199 17.62 -21.39 -8.88
CA ILE A 199 16.83 -20.54 -7.98
C ILE A 199 17.25 -20.82 -6.54
N ASN A 200 17.22 -19.81 -5.70
CA ASN A 200 17.46 -20.01 -4.26
C ASN A 200 16.18 -20.42 -3.55
N ARG A 201 15.88 -21.72 -3.65
CA ARG A 201 14.68 -22.28 -3.06
C ARG A 201 15.05 -23.61 -2.41
N ARG A 202 14.46 -23.89 -1.26
CA ARG A 202 14.68 -25.14 -0.58
C ARG A 202 13.83 -26.26 -1.21
N ALA A 203 14.15 -27.51 -0.87
CA ALA A 203 13.45 -28.67 -1.42
C ALA A 203 11.94 -28.57 -1.29
N ASP A 204 11.49 -28.12 -0.12
CA ASP A 204 10.07 -28.17 0.20
C ASP A 204 9.22 -27.06 -0.41
N GLY A 205 9.83 -26.19 -1.22
CA GLY A 205 9.12 -25.07 -1.83
C GLY A 205 9.33 -23.72 -1.13
N THR A 206 10.04 -23.74 0.00
CA THR A 206 10.30 -22.52 0.77
C THR A 206 11.41 -21.70 0.10
N ARG A 207 11.14 -20.42 -0.14
CA ARG A 207 12.20 -19.54 -0.67
C ARG A 207 13.43 -19.56 0.26
N SER A 208 14.61 -19.66 -0.31
CA SER A 208 15.81 -19.51 0.52
C SER A 208 16.14 -18.02 0.61
N SER A 209 15.22 -17.25 1.21
CA SER A 209 15.43 -15.81 1.42
C SER A 209 16.57 -15.59 2.41
N SER A 210 17.09 -14.36 2.49
CA SER A 210 18.14 -14.06 3.47
C SER A 210 17.68 -14.31 4.92
N SER A 211 16.39 -14.06 5.21
CA SER A 211 15.85 -14.34 6.54
C SER A 211 15.78 -15.85 6.81
N VAL A 212 15.17 -16.62 5.90
CA VAL A 212 15.11 -18.09 6.05
C VAL A 212 16.55 -18.63 6.22
N SER A 213 17.45 -18.17 5.36
CA SER A 213 18.80 -18.72 5.31
C SER A 213 19.68 -18.32 6.50
N TYR A 214 19.78 -17.01 6.77
CA TYR A 214 20.73 -16.47 7.75
C TYR A 214 20.17 -16.26 9.15
N ILE A 215 18.88 -15.92 9.23
CA ILE A 215 18.31 -15.39 10.47
C ILE A 215 17.51 -16.41 11.29
N HIS A 216 16.63 -17.15 10.65
CA HIS A 216 15.82 -18.14 11.36
C HIS A 216 16.65 -19.10 12.23
N PRO A 217 17.82 -19.57 11.73
CA PRO A 217 18.67 -20.46 12.56
C PRO A 217 19.27 -19.81 13.80
N ILE A 218 19.30 -18.49 13.85
CA ILE A 218 20.05 -17.78 14.93
C ILE A 218 19.19 -16.88 15.81
N VAL A 219 17.86 -16.93 15.64
CA VAL A 219 17.00 -15.97 16.35
C VAL A 219 17.12 -16.12 17.88
N GLU A 220 17.45 -17.32 18.36
CA GLU A 220 17.59 -17.54 19.81
C GLU A 220 19.02 -17.39 20.33
N GLN A 221 19.95 -17.00 19.47
CA GLN A 221 21.33 -16.78 19.87
C GLN A 221 21.40 -15.66 20.89
N GLU A 222 22.21 -15.87 21.92
CA GLU A 222 22.28 -14.98 23.04
C GLU A 222 22.75 -13.58 22.69
N ASN A 223 23.64 -13.48 21.70
CA ASN A 223 24.22 -12.17 21.31
C ASN A 223 23.48 -11.47 20.15
N PHE A 224 22.39 -12.07 19.68
CA PHE A 224 21.66 -11.55 18.53
C PHE A 224 20.28 -11.09 18.96
N THR A 225 19.94 -9.86 18.57
CA THR A 225 18.59 -9.31 18.84
C THR A 225 17.87 -8.95 17.52
N LEU A 226 16.72 -9.57 17.25
CA LEU A 226 15.94 -9.25 16.03
C LEU A 226 14.76 -8.35 16.40
N LEU A 227 14.70 -7.19 15.78
CA LEU A 227 13.65 -6.24 16.07
C LEU A 227 12.81 -6.02 14.82
N THR A 228 11.56 -6.46 14.86
CA THR A 228 10.71 -6.30 13.68
C THR A 228 9.56 -5.31 13.93
N GLY A 229 8.90 -4.85 12.87
CA GLY A 229 7.84 -3.86 12.99
C GLY A 229 8.34 -2.48 13.42
N LEU A 230 9.59 -2.18 13.12
CA LEU A 230 10.21 -0.94 13.61
C LEU A 230 10.89 -0.18 12.49
N ARG A 231 10.48 1.06 12.31
CA ARG A 231 10.85 1.82 11.14
C ARG A 231 11.85 2.91 11.53
N ALA A 232 13.02 2.91 10.90
CA ALA A 232 14.03 3.94 11.17
C ALA A 232 13.58 5.26 10.56
N ARG A 233 13.66 6.34 11.35
CA ARG A 233 13.31 7.69 10.86
C ARG A 233 14.54 8.59 10.67
N GLN A 234 15.59 8.34 11.43
CA GLN A 234 16.83 9.13 11.31
C GLN A 234 18.00 8.35 11.89
N LEU A 235 19.20 8.55 11.33
CA LEU A 235 20.44 8.13 12.00
C LEU A 235 20.86 9.24 12.95
N VAL A 236 21.54 8.87 14.02
CA VAL A 236 21.92 9.81 15.08
C VAL A 236 23.44 9.92 15.12
N PHE A 237 23.98 11.15 15.23
CA PHE A 237 25.43 11.43 15.21
C PHE A 237 25.87 12.34 16.38
N ASP A 238 27.06 12.08 16.95
CA ASP A 238 27.91 13.09 17.69
C ASP A 238 27.92 14.45 17.01
N ALA A 239 28.23 15.60 17.64
CA ALA A 239 29.42 15.92 18.38
C ALA A 239 30.51 15.95 17.32
N ASP A 240 31.24 14.85 17.26
CA ASP A 240 32.29 14.62 16.29
C ASP A 240 31.80 13.92 15.00
N ARG A 241 30.50 13.86 14.76
CA ARG A 241 29.98 13.20 13.56
C ARG A 241 30.27 11.68 13.54
N ARG A 242 30.37 11.07 14.71
CA ARG A 242 30.35 9.61 14.79
C ARG A 242 28.88 9.19 14.87
N CYS A 243 28.47 8.25 14.01
CA CYS A 243 27.13 7.70 14.07
C CYS A 243 26.99 6.86 15.34
N THR A 244 26.05 7.22 16.20
CA THR A 244 25.94 6.53 17.48
C THR A 244 24.71 5.65 17.53
N GLY A 245 23.84 5.74 16.52
CA GLY A 245 22.68 4.88 16.52
C GLY A 245 21.58 5.32 15.59
N VAL A 246 20.35 4.89 15.90
CA VAL A 246 19.22 5.07 15.00
C VAL A 246 17.93 5.31 15.74
N ASP A 247 17.16 6.30 15.27
CA ASP A 247 15.81 6.56 15.81
C ASP A 247 14.75 5.74 15.08
N ILE A 248 13.89 5.08 15.84
CA ILE A 248 12.87 4.20 15.24
C ILE A 248 11.50 4.43 15.86
N VAL A 249 10.46 4.05 15.14
CA VAL A 249 9.08 4.07 15.62
C VAL A 249 8.39 2.75 15.34
N ASP A 250 7.43 2.42 16.22
CA ASP A 250 6.68 1.18 16.15
C ASP A 250 5.44 1.46 15.35
N SER A 251 5.07 2.73 15.28
CA SER A 251 3.92 3.11 14.46
C SER A 251 4.11 4.56 14.03
N ALA A 252 3.52 4.90 12.87
CA ALA A 252 3.75 6.19 12.24
C ALA A 252 3.59 7.37 13.20
N PHE A 253 2.63 7.29 14.13
CA PHE A 253 2.35 8.39 15.06
C PHE A 253 2.80 8.20 16.50
N GLY A 254 3.62 7.18 16.71
CA GLY A 254 4.05 6.84 18.06
C GLY A 254 5.35 7.47 18.52
N HIS A 255 5.72 7.05 19.74
CA HIS A 255 6.93 7.54 20.39
C HIS A 255 8.16 7.12 19.60
N THR A 256 9.20 7.99 19.63
CA THR A 256 10.48 7.64 18.99
C THR A 256 11.40 6.94 20.03
N HIS A 257 11.91 5.77 19.65
CA HIS A 257 12.88 5.05 20.47
C HIS A 257 14.21 5.12 19.76
N ARG A 258 15.27 4.82 20.48
CA ARG A 258 16.59 4.89 19.89
C ARG A 258 17.39 3.66 20.26
N LEU A 259 18.14 3.13 19.30
CA LEU A 259 19.09 2.05 19.58
C LEU A 259 20.47 2.66 19.39
N THR A 260 21.45 2.27 20.23
CA THR A 260 22.80 2.81 20.10
C THR A 260 23.82 1.71 19.77
N ALA A 261 24.86 2.06 19.01
CA ALA A 261 25.92 1.13 18.60
C ALA A 261 27.22 1.63 19.21
N ARG A 262 27.95 0.70 19.84
CA ARG A 262 29.27 1.03 20.39
C ARG A 262 30.35 1.01 19.34
N ASN A 263 30.20 0.17 18.31
CA ASN A 263 31.19 0.08 17.23
C ASN A 263 30.72 0.76 15.93
N GLU A 264 29.75 0.16 15.24
CA GLU A 264 29.31 0.71 13.98
C GLU A 264 27.85 0.46 13.71
N VAL A 265 27.29 1.29 12.83
CA VAL A 265 25.95 1.08 12.34
C VAL A 265 26.09 0.74 10.85
N VAL A 266 25.36 -0.28 10.41
CA VAL A 266 25.34 -0.69 9.01
C VAL A 266 23.95 -0.42 8.46
N LEU A 267 23.89 0.46 7.46
CA LEU A 267 22.62 0.76 6.79
C LEU A 267 22.40 -0.18 5.59
N SER A 268 21.32 -0.95 5.63
CA SER A 268 21.05 -1.96 4.59
C SER A 268 19.59 -1.89 4.17
N THR A 269 19.05 -0.67 4.04
CA THR A 269 17.62 -0.48 3.78
C THR A 269 17.30 -0.50 2.27
N GLY A 270 18.34 -0.77 1.46
CA GLY A 270 18.19 -0.96 0.02
C GLY A 270 18.29 0.32 -0.80
N ALA A 271 18.27 0.16 -2.13
CA ALA A 271 18.62 1.23 -3.05
C ALA A 271 17.65 2.42 -3.07
N ILE A 272 16.44 2.23 -2.57
CA ILE A 272 15.50 3.34 -2.45
C ILE A 272 15.52 3.98 -1.07
N ASP A 273 15.41 3.15 -0.03
CA ASP A 273 15.28 3.67 1.34
C ASP A 273 16.59 4.16 1.99
N THR A 274 17.71 3.57 1.58
CA THR A 274 19.03 4.03 2.05
C THR A 274 19.35 5.50 1.73
N PRO A 275 19.31 5.90 0.44
CA PRO A 275 19.59 7.31 0.18
C PRO A 275 18.58 8.21 0.89
N LYS A 276 17.30 7.80 0.93
CA LYS A 276 16.30 8.54 1.71
C LYS A 276 16.68 8.71 3.23
N LEU A 277 17.12 7.64 3.86
CA LEU A 277 17.46 7.73 5.30
C LEU A 277 18.69 8.59 5.51
N LEU A 278 19.64 8.51 4.59
CA LEU A 278 20.87 9.30 4.75
C LEU A 278 20.52 10.78 4.63
N MET A 279 19.69 11.09 3.63
CA MET A 279 19.31 12.50 3.40
C MET A 279 18.55 13.11 4.59
N LEU A 280 17.61 12.34 5.12
CA LEU A 280 16.88 12.76 6.31
C LEU A 280 17.78 12.94 7.53
N SER A 281 18.93 12.26 7.54
CA SER A 281 19.91 12.32 8.63
C SER A 281 20.98 13.37 8.37
N GLY A 282 20.83 14.13 7.28
CA GLY A 282 21.75 15.21 6.98
C GLY A 282 22.93 14.87 6.08
N ILE A 283 22.90 13.73 5.41
CA ILE A 283 23.99 13.31 4.51
C ILE A 283 23.50 13.20 3.07
N GLY A 284 23.89 14.15 2.22
CA GLY A 284 23.31 14.19 0.87
C GLY A 284 23.64 15.48 0.17
N PRO A 285 23.05 15.71 -1.01
CA PRO A 285 23.30 16.93 -1.77
C PRO A 285 22.82 18.15 -0.96
N ALA A 286 23.73 19.06 -0.60
CA ALA A 286 23.43 20.18 0.31
C ALA A 286 22.21 21.02 -0.06
N ALA A 287 22.10 21.39 -1.34
CA ALA A 287 20.98 22.21 -1.81
C ALA A 287 19.64 21.48 -1.65
N HIS A 288 19.61 20.18 -1.94
CA HIS A 288 18.39 19.41 -1.79
C HIS A 288 17.99 19.31 -0.31
N LEU A 289 18.94 19.03 0.59
CA LEU A 289 18.60 18.93 2.02
C LEU A 289 18.09 20.28 2.54
N ALA A 290 18.77 21.34 2.15
CA ALA A 290 18.40 22.70 2.60
C ALA A 290 16.99 23.06 2.16
N GLU A 291 16.64 22.67 0.94
CA GLU A 291 15.31 22.88 0.38
C GLU A 291 14.23 22.30 1.32
N HIS A 292 14.56 21.22 2.02
CA HIS A 292 13.61 20.52 2.89
C HIS A 292 13.83 20.78 4.36
N GLY A 293 14.60 21.84 4.64
CA GLY A 293 14.83 22.30 6.00
C GLY A 293 15.75 21.42 6.81
N ILE A 294 16.58 20.62 6.14
CA ILE A 294 17.42 19.68 6.86
C ILE A 294 18.81 20.24 7.01
N GLU A 295 19.34 20.18 8.24
CA GLU A 295 20.69 20.59 8.53
C GLU A 295 21.67 19.69 7.81
N VAL A 296 22.57 20.29 7.03
CA VAL A 296 23.55 19.50 6.27
C VAL A 296 24.71 19.13 7.17
N LEU A 297 24.85 17.83 7.41
CA LEU A 297 25.98 17.36 8.18
C LEU A 297 27.15 17.06 7.24
N VAL A 298 26.83 16.46 6.09
CA VAL A 298 27.81 16.19 5.04
C VAL A 298 27.19 16.52 3.71
N ASP A 299 27.83 17.40 2.96
CA ASP A 299 27.47 17.63 1.57
C ASP A 299 28.03 16.47 0.78
N SER A 300 27.16 15.52 0.44
CA SER A 300 27.58 14.31 -0.26
C SER A 300 26.75 14.24 -1.52
N PRO A 301 27.24 14.86 -2.63
CA PRO A 301 26.38 15.00 -3.80
C PRO A 301 25.99 13.70 -4.53
N GLY A 302 26.67 12.59 -4.27
CA GLY A 302 26.31 11.32 -4.92
C GLY A 302 25.12 10.57 -4.32
N VAL A 303 24.65 11.05 -3.16
CA VAL A 303 23.56 10.37 -2.46
C VAL A 303 22.25 10.55 -3.19
N GLY A 304 21.67 9.43 -3.64
CA GLY A 304 20.44 9.46 -4.42
C GLY A 304 20.69 9.69 -5.92
N GLU A 305 21.95 9.89 -6.30
CA GLU A 305 22.32 9.97 -7.73
C GLU A 305 22.68 8.61 -8.30
N HIS A 306 22.78 8.50 -9.63
CA HIS A 306 23.31 7.28 -10.29
C HIS A 306 22.40 6.06 -10.15
N LEU A 307 21.10 6.30 -10.00
CA LEU A 307 20.13 5.20 -9.90
C LEU A 307 20.13 4.45 -11.22
N GLN A 308 20.40 3.15 -11.11
CA GLN A 308 20.44 2.26 -12.27
C GLN A 308 19.44 1.15 -12.11
N ASP A 309 18.96 0.62 -13.24
CA ASP A 309 18.02 -0.47 -13.21
C ASP A 309 18.18 -1.32 -14.47
N HIS A 310 17.46 -2.44 -14.54
CA HIS A 310 17.37 -3.22 -15.76
C HIS A 310 15.96 -2.97 -16.26
N PRO A 311 15.79 -2.02 -17.20
CA PRO A 311 14.45 -1.77 -17.74
C PRO A 311 14.04 -2.98 -18.58
N GLU A 312 12.74 -3.22 -18.67
CA GLU A 312 12.23 -4.47 -19.20
C GLU A 312 11.06 -4.19 -20.16
N GLY A 313 11.05 -4.86 -21.32
CA GLY A 313 9.92 -4.84 -22.25
C GLY A 313 9.15 -6.14 -22.15
N VAL A 314 8.03 -6.23 -22.84
CA VAL A 314 7.30 -7.51 -22.87
C VAL A 314 6.78 -7.85 -24.28
N VAL A 315 6.92 -9.12 -24.63
CA VAL A 315 6.24 -9.68 -25.80
C VAL A 315 5.35 -10.81 -25.31
N GLN A 316 4.06 -10.69 -25.55
CA GLN A 316 3.10 -11.67 -25.05
C GLN A 316 2.48 -12.46 -26.20
N PHE A 317 2.36 -13.78 -26.01
CA PHE A 317 1.77 -14.68 -27.01
C PHE A 317 0.64 -15.52 -26.43
N GLU A 318 -0.44 -15.70 -27.17
CA GLU A 318 -1.35 -16.81 -26.87
C GLU A 318 -0.59 -18.12 -27.10
N ALA A 319 -0.87 -19.10 -26.27
CA ALA A 319 -0.28 -20.43 -26.39
C ALA A 319 -1.28 -21.36 -27.11
N LYS A 320 -0.79 -22.21 -28.02
CA LYS A 320 -1.67 -23.04 -28.87
C LYS A 320 -2.11 -24.30 -28.17
N GLN A 321 -1.49 -24.60 -27.03
CA GLN A 321 -1.84 -25.74 -26.19
C GLN A 321 -1.94 -25.24 -24.75
N PRO A 322 -2.57 -26.03 -23.85
CA PRO A 322 -2.69 -25.69 -22.42
C PRO A 322 -1.33 -25.47 -21.79
N MET A 323 -1.15 -24.28 -21.21
CA MET A 323 0.07 -23.96 -20.48
C MET A 323 0.13 -24.69 -19.15
N VAL A 324 1.34 -24.86 -18.59
CA VAL A 324 1.51 -25.49 -17.28
C VAL A 324 0.67 -24.74 -16.22
N ALA A 325 0.22 -25.47 -15.20
CA ALA A 325 -0.60 -24.87 -14.15
C ALA A 325 0.10 -24.96 -12.80
N GLU A 326 1.31 -25.51 -12.80
CA GLU A 326 2.17 -25.54 -11.62
C GLU A 326 3.54 -24.98 -12.03
N SER A 327 4.29 -24.42 -11.09
CA SER A 327 5.63 -23.90 -11.41
C SER A 327 6.47 -23.74 -10.17
N THR A 328 7.76 -23.57 -10.35
CA THR A 328 8.61 -23.15 -9.24
C THR A 328 8.32 -21.67 -8.96
N GLN A 329 8.29 -20.83 -10.02
CA GLN A 329 8.10 -19.38 -9.84
C GLN A 329 7.65 -18.64 -11.09
N TRP A 330 7.16 -19.38 -12.11
CA TRP A 330 6.49 -18.78 -13.30
C TRP A 330 7.42 -18.09 -14.28
N TRP A 331 8.71 -17.95 -13.92
CA TRP A 331 9.71 -17.24 -14.74
C TRP A 331 10.99 -18.06 -14.73
N GLU A 332 10.92 -19.22 -15.39
CA GLU A 332 11.87 -20.31 -15.12
C GLU A 332 13.09 -20.34 -16.04
N ILE A 333 13.03 -19.59 -17.13
CA ILE A 333 14.12 -19.56 -18.14
C ILE A 333 14.68 -18.16 -18.39
N GLY A 334 16.00 -18.11 -18.54
CA GLY A 334 16.72 -16.91 -18.97
C GLY A 334 17.50 -17.19 -20.26
N ILE A 335 17.53 -16.18 -21.13
CA ILE A 335 18.20 -16.22 -22.44
C ILE A 335 19.15 -15.00 -22.51
N PHE A 336 20.43 -15.24 -22.82
CA PHE A 336 21.40 -14.17 -22.99
C PHE A 336 21.89 -14.21 -24.42
N THR A 337 21.98 -13.06 -25.04
CA THR A 337 22.60 -13.00 -26.37
C THR A 337 23.21 -11.60 -26.66
N PRO A 338 24.33 -11.54 -27.39
CA PRO A 338 24.93 -10.25 -27.68
C PRO A 338 24.29 -9.62 -28.93
N THR A 339 23.98 -8.33 -28.90
CA THR A 339 23.43 -7.69 -30.08
C THR A 339 24.52 -7.14 -30.99
N GLU A 340 25.78 -7.19 -30.53
CA GLU A 340 26.95 -6.73 -31.28
C GLU A 340 28.11 -7.71 -31.09
N ASP A 341 29.07 -7.73 -32.01
CA ASP A 341 30.29 -8.53 -31.83
C ASP A 341 31.23 -7.86 -30.83
N GLY A 342 32.16 -8.65 -30.27
CA GLY A 342 33.22 -8.11 -29.43
C GLY A 342 32.91 -7.97 -27.95
N LEU A 343 31.75 -8.47 -27.53
CA LEU A 343 31.33 -8.28 -26.16
C LEU A 343 31.82 -9.41 -25.26
N ASP A 344 32.22 -9.09 -24.04
CA ASP A 344 32.51 -10.16 -23.08
C ASP A 344 31.36 -10.40 -22.07
N ARG A 345 30.32 -9.57 -22.19
CA ARG A 345 29.07 -9.75 -21.46
C ARG A 345 27.92 -9.51 -22.40
N PRO A 346 26.80 -10.25 -22.24
CA PRO A 346 25.65 -9.98 -23.14
C PRO A 346 25.05 -8.63 -22.83
N ASP A 347 24.65 -7.88 -23.86
CA ASP A 347 24.04 -6.60 -23.62
C ASP A 347 22.51 -6.73 -23.50
N LEU A 348 22.01 -7.91 -23.83
CA LEU A 348 20.59 -8.22 -23.84
C LEU A 348 20.30 -9.53 -23.10
N MET A 349 19.26 -9.53 -22.27
CA MET A 349 18.75 -10.72 -21.61
C MET A 349 17.25 -10.76 -21.82
N MET A 350 16.66 -11.95 -21.79
CA MET A 350 15.20 -12.08 -21.81
C MET A 350 14.84 -13.12 -20.80
N HIS A 351 13.73 -12.94 -20.08
CA HIS A 351 13.18 -14.00 -19.26
C HIS A 351 12.01 -14.64 -20.02
N TYR A 352 11.71 -15.90 -19.74
CA TYR A 352 10.46 -16.51 -20.23
C TYR A 352 9.53 -16.76 -19.06
N GLY A 353 8.30 -16.28 -19.23
CA GLY A 353 7.29 -16.42 -18.20
C GLY A 353 6.15 -17.23 -18.77
N SER A 354 5.71 -18.21 -18.01
CA SER A 354 4.65 -19.12 -18.44
C SER A 354 3.24 -18.55 -18.14
N VAL A 355 3.20 -17.23 -18.01
CA VAL A 355 1.94 -16.48 -17.84
C VAL A 355 1.95 -15.28 -18.79
N PRO A 356 0.79 -14.75 -19.14
CA PRO A 356 0.75 -13.50 -19.88
C PRO A 356 0.98 -12.29 -18.95
N PHE A 357 2.06 -11.54 -19.15
CA PHE A 357 2.36 -10.47 -18.19
C PHE A 357 1.73 -9.15 -18.67
N ASP A 358 0.47 -8.91 -18.30
CA ASP A 358 -0.28 -7.74 -18.80
C ASP A 358 -0.33 -6.51 -17.88
N MET A 359 0.57 -6.48 -16.90
CA MET A 359 0.62 -5.37 -15.92
C MET A 359 0.60 -4.00 -16.57
N ASN A 360 1.33 -3.84 -17.69
CA ASN A 360 1.41 -2.53 -18.31
C ASN A 360 0.77 -2.44 -19.71
N THR A 361 0.17 -3.53 -20.17
CA THR A 361 -0.43 -3.56 -21.51
C THR A 361 -1.95 -3.48 -21.44
N LEU A 362 -2.54 -3.99 -20.37
CA LEU A 362 -3.98 -3.94 -20.23
C LEU A 362 -4.53 -2.51 -20.25
N ARG A 363 -3.87 -1.58 -19.57
CA ARG A 363 -4.33 -0.20 -19.55
C ARG A 363 -4.23 0.48 -20.91
N HIS A 364 -3.46 -0.09 -21.83
CA HIS A 364 -3.34 0.53 -23.15
C HIS A 364 -4.13 -0.23 -24.20
N GLY A 365 -4.97 -1.14 -23.74
CA GLY A 365 -5.95 -1.77 -24.62
C GLY A 365 -5.43 -3.00 -25.35
N TYR A 366 -4.27 -3.55 -24.96
CA TYR A 366 -3.76 -4.76 -25.63
C TYR A 366 -4.56 -5.98 -25.16
N PRO A 367 -4.81 -6.94 -26.05
CA PRO A 367 -5.62 -8.12 -25.72
C PRO A 367 -5.04 -9.00 -24.61
N THR A 368 -5.94 -9.61 -23.86
CA THR A 368 -5.58 -10.46 -22.75
C THR A 368 -5.87 -11.91 -23.13
N THR A 369 -5.29 -12.86 -22.39
CA THR A 369 -5.61 -14.26 -22.55
C THR A 369 -5.41 -14.90 -21.18
N GLU A 370 -5.99 -16.06 -20.97
CA GLU A 370 -5.72 -16.87 -19.79
C GLU A 370 -4.81 -18.05 -20.09
N ASN A 371 -4.33 -18.13 -21.32
CA ASN A 371 -3.45 -19.24 -21.67
C ASN A 371 -2.42 -18.71 -22.65
N GLY A 372 -1.27 -18.32 -22.10
CA GLY A 372 -0.27 -17.64 -22.91
C GLY A 372 1.05 -17.58 -22.20
N PHE A 373 2.04 -16.98 -22.85
CA PHE A 373 3.37 -16.85 -22.22
C PHE A 373 4.00 -15.53 -22.59
N SER A 374 5.07 -15.16 -21.90
CA SER A 374 5.69 -13.87 -22.16
C SER A 374 7.18 -14.02 -22.35
N LEU A 375 7.76 -13.18 -23.21
CA LEU A 375 9.21 -13.04 -23.29
C LEU A 375 9.54 -11.60 -22.94
N THR A 376 10.42 -11.41 -21.96
CA THR A 376 10.66 -10.07 -21.41
C THR A 376 12.12 -9.68 -21.61
N PRO A 377 12.43 -8.99 -22.70
CA PRO A 377 13.82 -8.50 -22.87
C PRO A 377 14.17 -7.41 -21.87
N ASN A 378 15.40 -7.44 -21.38
CA ASN A 378 15.92 -6.33 -20.56
C ASN A 378 17.31 -5.90 -21.04
N VAL A 379 17.65 -4.66 -20.74
CA VAL A 379 18.94 -4.08 -21.05
C VAL A 379 19.86 -4.36 -19.86
N THR A 380 20.92 -5.14 -20.07
CA THR A 380 21.77 -5.66 -18.96
C THR A 380 22.68 -4.56 -18.41
N HIS A 381 23.06 -3.61 -19.26
CA HIS A 381 23.88 -2.47 -18.79
C HIS A 381 23.31 -1.16 -19.28
N ALA A 382 22.12 -0.83 -18.78
CA ALA A 382 21.43 0.39 -19.21
C ALA A 382 22.31 1.62 -18.93
N ARG A 383 22.34 2.54 -19.88
CA ARG A 383 23.18 3.74 -19.74
C ARG A 383 22.42 4.91 -19.10
N SER A 384 21.08 4.80 -19.02
CA SER A 384 20.27 5.81 -18.36
C SER A 384 20.57 5.86 -16.84
N ARG A 385 20.53 7.07 -16.27
CA ARG A 385 20.80 7.24 -14.83
C ARG A 385 19.74 8.13 -14.24
N GLY A 386 19.19 7.70 -13.11
CA GLY A 386 18.10 8.45 -12.46
C GLY A 386 18.47 8.89 -11.06
N THR A 387 17.45 9.25 -10.29
CA THR A 387 17.64 9.77 -8.94
C THR A 387 16.59 9.22 -7.96
N VAL A 388 16.98 9.18 -6.70
CA VAL A 388 16.05 9.10 -5.60
C VAL A 388 16.23 10.34 -4.77
N ARG A 389 15.13 11.03 -4.53
CA ARG A 389 15.16 12.34 -3.86
C ARG A 389 14.07 12.39 -2.80
N LEU A 390 14.19 13.32 -1.86
CA LEU A 390 13.16 13.47 -0.82
C LEU A 390 11.94 14.19 -1.38
N ARG A 391 10.75 13.72 -1.01
CA ARG A 391 9.52 14.39 -1.33
C ARG A 391 9.25 15.49 -0.30
N SER A 392 9.75 15.31 0.92
CA SER A 392 9.56 16.24 2.02
C SER A 392 10.52 15.81 3.13
N ARG A 393 10.54 16.57 4.22
CA ARG A 393 11.35 16.28 5.40
C ARG A 393 10.70 15.22 6.31
N ASP A 394 9.51 14.73 5.93
CA ASP A 394 8.77 13.77 6.74
C ASP A 394 9.09 12.32 6.28
N PHE A 395 9.68 11.54 7.19
CA PHE A 395 10.12 10.16 6.90
C PHE A 395 9.00 9.24 6.42
N ARG A 396 7.74 9.62 6.67
CA ARG A 396 6.62 8.80 6.31
C ARG A 396 6.19 9.03 4.86
N ASP A 397 6.68 10.10 4.24
CA ASP A 397 6.36 10.38 2.84
C ASP A 397 7.27 9.53 1.94
N LYS A 398 6.68 8.83 0.97
CA LYS A 398 7.47 8.04 0.01
C LYS A 398 8.48 8.95 -0.72
N PRO A 399 9.66 8.40 -1.03
CA PRO A 399 10.67 9.19 -1.76
C PRO A 399 10.21 9.39 -3.22
N MET A 400 10.83 10.34 -3.93
CA MET A 400 10.61 10.53 -5.36
C MET A 400 11.62 9.68 -6.09
N VAL A 401 11.14 8.64 -6.76
CA VAL A 401 11.99 7.71 -7.49
C VAL A 401 11.83 8.02 -8.99
N ASP A 402 12.89 8.50 -9.61
CA ASP A 402 12.85 8.82 -11.05
C ASP A 402 13.99 8.15 -11.80
N PRO A 403 13.77 6.94 -12.32
CA PRO A 403 14.86 6.24 -13.01
C PRO A 403 15.30 6.88 -14.34
N ARG A 404 14.53 7.84 -14.86
CA ARG A 404 14.83 8.48 -16.18
C ARG A 404 15.07 7.40 -17.25
N TYR A 405 14.16 6.41 -17.31
CA TYR A 405 14.27 5.33 -18.27
C TYR A 405 14.41 5.84 -19.72
N PHE A 406 15.31 5.22 -20.48
CA PHE A 406 15.49 5.48 -21.91
C PHE A 406 15.79 6.96 -22.16
N THR A 407 16.63 7.54 -21.31
CA THR A 407 17.00 8.92 -21.50
C THR A 407 18.47 9.04 -21.88
N ASP A 408 19.18 7.91 -21.97
CA ASP A 408 20.63 8.01 -22.20
C ASP A 408 20.90 8.65 -23.58
N PRO A 409 21.91 9.54 -23.67
CA PRO A 409 21.98 10.41 -24.84
C PRO A 409 22.22 9.69 -26.16
N GLU A 410 22.90 8.55 -26.17
CA GLU A 410 23.14 7.86 -27.43
C GLU A 410 22.04 6.87 -27.79
N GLY A 411 21.00 6.81 -26.97
CA GLY A 411 19.85 5.97 -27.22
C GLY A 411 20.12 4.48 -27.11
N HIS A 412 21.15 4.12 -26.34
CA HIS A 412 21.54 2.72 -26.17
C HIS A 412 20.38 1.87 -25.65
N ASP A 413 19.74 2.34 -24.58
CA ASP A 413 18.77 1.49 -23.86
C ASP A 413 17.62 1.15 -24.77
N MET A 414 17.14 2.18 -25.49
CA MET A 414 16.05 1.96 -26.43
C MET A 414 16.49 1.03 -27.59
N ARG A 415 17.70 1.23 -28.10
CA ARG A 415 18.23 0.42 -29.22
C ARG A 415 18.25 -1.08 -28.85
N VAL A 416 18.75 -1.37 -27.64
CA VAL A 416 18.85 -2.75 -27.19
C VAL A 416 17.47 -3.32 -26.97
N MET A 417 16.55 -2.52 -26.42
CA MET A 417 15.20 -3.01 -26.15
C MET A 417 14.47 -3.35 -27.45
N VAL A 418 14.63 -2.50 -28.44
CA VAL A 418 14.06 -2.80 -29.78
C VAL A 418 14.61 -4.10 -30.34
N ALA A 419 15.95 -4.25 -30.30
CA ALA A 419 16.58 -5.51 -30.70
C ALA A 419 16.03 -6.71 -29.93
N GLY A 420 15.80 -6.50 -28.62
CA GLY A 420 15.21 -7.48 -27.73
C GLY A 420 13.81 -7.95 -28.12
N ILE A 421 12.93 -7.04 -28.48
CA ILE A 421 11.63 -7.41 -28.97
C ILE A 421 11.77 -8.20 -30.29
N ARG A 422 12.61 -7.73 -31.19
CA ARG A 422 12.81 -8.46 -32.47
C ARG A 422 13.37 -9.87 -32.25
N LYS A 423 14.32 -9.99 -31.32
CA LYS A 423 14.93 -11.27 -31.00
C LYS A 423 13.93 -12.20 -30.33
N ALA A 424 13.08 -11.66 -29.45
CA ALA A 424 12.02 -12.44 -28.81
C ALA A 424 11.11 -13.03 -29.89
N ARG A 425 10.71 -12.20 -30.84
CA ARG A 425 9.88 -12.65 -31.97
C ARG A 425 10.59 -13.72 -32.80
N GLU A 426 11.89 -13.56 -32.99
CA GLU A 426 12.64 -14.50 -33.81
C GLU A 426 12.68 -15.88 -33.16
N ILE A 427 12.98 -15.91 -31.85
CA ILE A 427 13.02 -17.15 -31.11
C ILE A 427 11.65 -17.83 -31.13
N ALA A 428 10.60 -17.06 -30.88
CA ALA A 428 9.23 -17.60 -30.79
C ALA A 428 8.77 -18.17 -32.14
N ALA A 429 9.39 -17.68 -33.22
CA ALA A 429 9.04 -18.11 -34.58
C ALA A 429 9.80 -19.35 -35.07
N GLN A 430 10.73 -19.86 -34.26
CA GLN A 430 11.52 -21.05 -34.69
C GLN A 430 10.66 -22.33 -34.72
N PRO A 431 11.02 -23.29 -35.60
CA PRO A 431 10.27 -24.57 -35.73
C PRO A 431 9.93 -25.28 -34.42
N ALA A 432 10.86 -25.26 -33.48
CA ALA A 432 10.63 -25.95 -32.23
C ALA A 432 9.43 -25.35 -31.44
N MET A 433 9.09 -24.09 -31.73
CA MET A 433 7.98 -23.42 -31.00
C MET A 433 6.69 -23.39 -31.84
N ALA A 434 6.71 -24.02 -33.00
CA ALA A 434 5.53 -24.09 -33.90
C ALA A 434 4.29 -24.61 -33.18
N GLU A 435 4.44 -25.61 -32.31
CA GLU A 435 3.30 -26.17 -31.59
C GLU A 435 2.87 -25.31 -30.39
N TRP A 436 3.58 -24.21 -30.14
CA TRP A 436 3.26 -23.29 -29.01
C TRP A 436 2.85 -21.88 -29.36
N THR A 437 3.59 -21.26 -30.26
CA THR A 437 3.43 -19.85 -30.47
C THR A 437 2.17 -19.52 -31.24
N GLY A 438 1.20 -18.93 -30.55
CA GLY A 438 -0.01 -18.47 -31.21
C GLY A 438 0.11 -17.00 -31.53
N ARG A 439 -1.03 -16.33 -31.59
CA ARG A 439 -1.08 -14.91 -31.90
C ARG A 439 -0.22 -14.08 -30.94
N GLU A 440 0.49 -13.12 -31.47
CA GLU A 440 1.24 -12.18 -30.62
C GLU A 440 0.29 -11.10 -30.10
N LEU A 441 0.04 -11.11 -28.78
CA LEU A 441 -0.90 -10.15 -28.15
C LEU A 441 -0.37 -8.73 -27.97
N SER A 442 0.90 -8.61 -27.58
CA SER A 442 1.55 -7.31 -27.53
C SER A 442 3.00 -7.50 -27.90
N PRO A 443 3.58 -6.52 -28.63
CA PRO A 443 2.93 -5.35 -29.21
C PRO A 443 1.97 -5.68 -30.37
N GLY A 444 1.97 -6.91 -30.87
CA GLY A 444 1.12 -7.31 -32.02
C GLY A 444 1.88 -7.17 -33.34
N VAL A 445 1.62 -8.05 -34.30
CA VAL A 445 2.41 -8.06 -35.55
C VAL A 445 2.35 -6.77 -36.37
N GLU A 446 1.29 -5.98 -36.16
CA GLU A 446 1.15 -4.65 -36.78
C GLU A 446 2.29 -3.68 -36.39
N ALA A 447 2.92 -3.91 -35.22
CA ALA A 447 4.02 -3.07 -34.76
C ALA A 447 5.33 -3.61 -35.30
N GLN A 448 5.94 -2.87 -36.23
CA GLN A 448 7.06 -3.39 -37.01
C GLN A 448 8.25 -2.46 -37.14
N THR A 449 8.00 -1.15 -37.28
CA THR A 449 9.09 -0.20 -37.43
C THR A 449 9.79 0.08 -36.11
N ASP A 450 11.01 0.62 -36.17
CA ASP A 450 11.71 1.12 -35.00
C ASP A 450 10.80 2.05 -34.18
N GLU A 451 10.18 3.02 -34.86
CA GLU A 451 9.29 4.00 -34.24
C GLU A 451 8.11 3.36 -33.51
N GLU A 452 7.48 2.38 -34.14
CA GLU A 452 6.33 1.73 -33.54
C GLU A 452 6.74 0.94 -32.29
N LEU A 453 7.90 0.28 -32.36
CA LEU A 453 8.36 -0.51 -31.21
C LEU A 453 8.83 0.39 -30.09
N GLN A 454 9.49 1.49 -30.44
CA GLN A 454 9.89 2.51 -29.47
C GLN A 454 8.67 3.09 -28.74
N ASP A 455 7.60 3.41 -29.49
CA ASP A 455 6.39 3.96 -28.86
C ASP A 455 5.80 2.94 -27.89
N TYR A 456 5.80 1.68 -28.30
CA TYR A 456 5.27 0.63 -27.49
C TYR A 456 6.08 0.45 -26.21
N ILE A 457 7.40 0.49 -26.34
CA ILE A 457 8.29 0.29 -25.21
C ILE A 457 8.07 1.41 -24.19
N ARG A 458 8.05 2.65 -24.68
CA ARG A 458 7.82 3.80 -23.82
C ARG A 458 6.52 3.66 -22.99
N LYS A 459 5.45 3.20 -23.62
CA LYS A 459 4.16 3.06 -22.96
C LYS A 459 4.07 1.90 -21.99
N THR A 460 4.76 0.81 -22.27
CA THR A 460 4.44 -0.47 -21.65
C THR A 460 5.59 -1.14 -20.91
N HIS A 461 6.77 -0.52 -20.87
CA HIS A 461 7.92 -1.20 -20.29
C HIS A 461 7.70 -1.35 -18.76
N ASN A 462 8.35 -2.35 -18.17
CA ASN A 462 8.36 -2.50 -16.73
C ASN A 462 9.83 -2.49 -16.27
N THR A 463 10.11 -3.23 -15.20
CA THR A 463 11.43 -3.37 -14.65
C THR A 463 11.59 -4.85 -14.27
N VAL A 464 12.83 -5.32 -14.17
CA VAL A 464 13.06 -6.67 -13.66
C VAL A 464 13.13 -6.55 -12.11
N TYR A 465 13.01 -5.30 -11.62
CA TYR A 465 12.94 -4.93 -10.19
C TYR A 465 14.35 -4.89 -9.60
N HIS A 466 15.24 -4.19 -10.32
CA HIS A 466 16.66 -4.18 -9.97
C HIS A 466 17.24 -2.80 -9.73
N PRO A 467 16.60 -1.96 -8.89
CA PRO A 467 17.21 -0.64 -8.70
C PRO A 467 18.51 -0.81 -7.90
N VAL A 468 19.59 -0.19 -8.38
CA VAL A 468 20.88 -0.20 -7.67
C VAL A 468 21.58 1.16 -7.75
N GLY A 469 22.65 1.31 -6.98
CA GLY A 469 23.66 2.30 -7.31
C GLY A 469 23.53 3.69 -6.72
N THR A 470 22.53 3.89 -5.87
CA THR A 470 22.22 5.23 -5.34
C THR A 470 23.16 5.76 -4.22
N VAL A 471 23.99 4.90 -3.64
CA VAL A 471 24.94 5.37 -2.65
C VAL A 471 26.24 4.63 -2.96
N ARG A 472 26.84 4.94 -4.10
CA ARG A 472 27.91 4.07 -4.64
C ARG A 472 29.20 4.14 -3.86
N MET A 473 29.90 3.01 -3.81
CA MET A 473 31.32 3.02 -3.48
C MET A 473 32.16 3.55 -4.65
N GLY A 474 33.37 4.01 -4.33
CA GLY A 474 34.26 4.54 -5.33
C GLY A 474 35.55 5.02 -4.69
N ALA A 475 36.37 5.68 -5.49
CA ALA A 475 37.67 6.18 -5.04
C ALA A 475 37.49 7.12 -3.84
N VAL A 476 38.39 7.01 -2.86
CA VAL A 476 38.35 7.90 -1.69
C VAL A 476 38.21 9.36 -2.13
N GLU A 477 38.87 9.72 -3.23
CA GLU A 477 38.93 11.13 -3.68
C GLU A 477 37.78 11.56 -4.61
N ASP A 478 36.93 10.62 -5.03
CA ASP A 478 35.77 10.91 -5.89
C ASP A 478 34.60 11.46 -5.06
N GLU A 479 34.33 12.76 -5.18
CA GLU A 479 33.28 13.41 -4.39
C GLU A 479 31.86 12.87 -4.64
N MET A 480 31.67 12.25 -5.80
CA MET A 480 30.36 11.78 -6.22
C MET A 480 30.10 10.33 -5.80
N SER A 481 31.09 9.73 -5.15
CA SER A 481 30.92 8.41 -4.55
C SER A 481 30.75 8.62 -3.03
N PRO A 482 29.52 8.44 -2.51
CA PRO A 482 29.34 8.66 -1.06
C PRO A 482 30.12 7.69 -0.16
N LEU A 483 30.47 6.50 -0.65
CA LEU A 483 31.20 5.51 0.14
C LEU A 483 32.61 5.35 -0.39
N ASP A 484 33.53 5.09 0.53
CA ASP A 484 34.89 4.63 0.15
C ASP A 484 34.84 3.13 -0.19
N PRO A 485 35.98 2.56 -0.66
CA PRO A 485 35.97 1.15 -1.04
C PRO A 485 35.70 0.17 0.11
N GLU A 486 35.74 0.62 1.36
CA GLU A 486 35.37 -0.24 2.51
C GLU A 486 33.94 -0.02 3.03
N LEU A 487 33.13 0.63 2.17
CA LEU A 487 31.68 0.87 2.39
C LEU A 487 31.41 1.91 3.48
N ARG A 488 32.46 2.63 3.88
CA ARG A 488 32.28 3.61 4.95
C ARG A 488 31.68 4.87 4.35
N VAL A 489 30.64 5.41 4.98
CA VAL A 489 30.11 6.72 4.56
C VAL A 489 31.16 7.85 4.79
N LYS A 490 31.55 8.53 3.71
CA LYS A 490 32.51 9.63 3.79
C LYS A 490 31.92 10.80 4.58
N GLY A 491 32.74 11.39 5.44
CA GLY A 491 32.39 12.64 6.14
C GLY A 491 31.87 12.39 7.53
N VAL A 492 31.70 11.10 7.84
CA VAL A 492 31.19 10.66 9.11
C VAL A 492 32.00 9.44 9.56
N THR A 493 31.96 9.08 10.84
CA THR A 493 32.64 7.86 11.29
C THR A 493 31.59 6.89 11.85
N GLY A 494 31.89 5.59 11.83
CA GLY A 494 31.05 4.59 12.50
C GLY A 494 29.81 4.18 11.71
N LEU A 495 29.80 4.49 10.41
CA LEU A 495 28.62 4.23 9.58
C LEU A 495 29.05 3.63 8.25
N ARG A 496 28.51 2.45 7.93
CA ARG A 496 28.69 1.86 6.58
C ARG A 496 27.35 1.61 5.91
N VAL A 497 27.40 1.40 4.58
CA VAL A 497 26.22 1.01 3.82
C VAL A 497 26.53 -0.33 3.14
N ALA A 498 25.61 -1.28 3.29
CA ALA A 498 25.73 -2.58 2.60
C ALA A 498 24.38 -3.04 2.08
N ASP A 499 24.15 -2.86 0.78
CA ASP A 499 22.93 -3.29 0.10
C ASP A 499 23.12 -2.91 -1.37
N ALA A 500 22.07 -3.01 -2.18
CA ALA A 500 22.22 -2.73 -3.62
C ALA A 500 22.63 -1.29 -3.96
N SER A 501 22.45 -0.33 -3.04
CA SER A 501 22.89 1.06 -3.23
C SER A 501 24.36 1.20 -3.65
N VAL A 502 25.22 0.26 -3.21
CA VAL A 502 26.66 0.46 -3.30
C VAL A 502 27.25 0.26 -4.69
N MET A 503 26.52 -0.43 -5.57
CA MET A 503 27.08 -0.84 -6.87
C MET A 503 27.49 0.38 -7.72
N PRO A 504 28.76 0.44 -8.16
CA PRO A 504 29.21 1.53 -9.03
C PRO A 504 28.61 1.40 -10.45
N GLU A 505 28.37 0.18 -10.86
CA GLU A 505 27.83 -0.12 -12.15
C GLU A 505 26.95 -1.33 -11.94
N HIS A 506 25.81 -1.38 -12.61
CA HIS A 506 24.93 -2.53 -12.49
C HIS A 506 25.65 -3.80 -12.95
N VAL A 507 25.23 -4.95 -12.46
CA VAL A 507 25.75 -6.22 -12.93
C VAL A 507 24.86 -6.67 -14.08
N THR A 508 25.38 -7.60 -14.88
CA THR A 508 24.73 -8.04 -16.10
C THR A 508 23.45 -8.84 -15.83
N VAL A 509 23.43 -9.51 -14.69
CA VAL A 509 22.46 -10.51 -14.35
C VAL A 509 21.58 -10.07 -13.17
N ASN A 510 20.63 -10.93 -12.81
CA ASN A 510 19.74 -10.65 -11.66
C ASN A 510 20.64 -10.50 -10.41
N PRO A 511 20.50 -9.38 -9.66
CA PRO A 511 21.50 -9.01 -8.69
C PRO A 511 21.38 -9.60 -7.27
N ASN A 512 20.31 -10.34 -6.95
CA ASN A 512 20.08 -10.75 -5.55
C ASN A 512 21.25 -11.44 -4.88
N ILE A 513 21.83 -12.46 -5.52
CA ILE A 513 22.92 -13.21 -4.88
C ILE A 513 24.15 -12.31 -4.69
N THR A 514 24.37 -11.41 -5.65
CA THR A 514 25.48 -10.44 -5.55
C THR A 514 25.29 -9.49 -4.35
N VAL A 515 24.04 -9.09 -4.11
CA VAL A 515 23.72 -8.22 -2.95
C VAL A 515 23.95 -9.02 -1.67
N MET A 516 23.54 -10.30 -1.64
CA MET A 516 23.92 -11.09 -0.47
C MET A 516 25.44 -11.15 -0.32
N MET A 517 26.15 -11.30 -1.42
CA MET A 517 27.62 -11.33 -1.42
C MET A 517 28.16 -10.02 -0.84
N ILE A 518 27.56 -8.89 -1.21
CA ILE A 518 27.95 -7.56 -0.67
C ILE A 518 27.85 -7.52 0.88
N GLY A 519 26.78 -8.11 1.41
CA GLY A 519 26.61 -8.24 2.86
C GLY A 519 27.71 -9.11 3.48
N GLU A 520 28.01 -10.26 2.86
CA GLU A 520 29.10 -11.13 3.31
C GLU A 520 30.41 -10.35 3.33
N ARG A 521 30.68 -9.58 2.27
CA ARG A 521 31.92 -8.82 2.21
C ARG A 521 31.95 -7.70 3.26
N CYS A 522 30.83 -6.98 3.43
CA CYS A 522 30.75 -5.98 4.49
C CYS A 522 31.06 -6.58 5.89
N ALA A 523 30.47 -7.71 6.22
CA ALA A 523 30.80 -8.40 7.48
C ALA A 523 32.33 -8.58 7.62
N ASP A 524 32.94 -9.05 6.54
CA ASP A 524 34.40 -9.28 6.49
C ASP A 524 35.23 -8.00 6.63
N LEU A 525 34.81 -6.94 5.96
CA LEU A 525 35.50 -5.66 6.03
C LEU A 525 35.50 -5.16 7.47
N ILE A 526 34.38 -5.36 8.15
CA ILE A 526 34.28 -5.02 9.56
C ILE A 526 35.12 -5.95 10.44
N ARG A 527 35.04 -7.27 10.23
CA ARG A 527 35.67 -8.28 11.13
C ARG A 527 36.95 -8.93 10.57
N MET B 1 -20.43 -21.23 4.78
CA MET B 1 -18.99 -21.61 4.77
C MET B 1 -18.10 -20.47 4.28
N HIS B 2 -16.89 -20.41 4.83
CA HIS B 2 -15.84 -19.49 4.42
C HIS B 2 -14.89 -20.11 3.38
N ILE B 3 -14.93 -19.57 2.15
CA ILE B 3 -14.04 -19.99 1.06
C ILE B 3 -12.90 -18.97 0.85
N ASP B 4 -11.69 -19.34 1.26
CA ASP B 4 -10.52 -18.51 1.03
C ASP B 4 -9.70 -19.01 -0.16
N ASN B 5 -10.24 -19.85 -0.96
CA ASN B 5 -9.59 -20.40 -2.15
C ASN B 5 -10.64 -20.76 -3.20
N ILE B 6 -10.77 -19.90 -4.21
CA ILE B 6 -11.83 -19.99 -5.23
C ILE B 6 -11.84 -21.34 -5.98
N GLU B 7 -10.66 -21.96 -6.11
CA GLU B 7 -10.52 -23.31 -6.65
C GLU B 7 -11.40 -24.29 -5.87
N ASN B 8 -11.39 -24.21 -4.49
CA ASN B 8 -12.18 -25.06 -3.58
C ASN B 8 -13.67 -24.71 -3.53
N LEU B 9 -14.16 -24.23 -4.66
CA LEU B 9 -15.59 -23.90 -4.73
C LEU B 9 -16.18 -24.23 -6.08
N SER B 10 -17.03 -25.26 -6.11
CA SER B 10 -17.62 -25.75 -7.36
C SER B 10 -18.97 -25.12 -7.66
N ASP B 11 -19.78 -24.89 -6.63
CA ASP B 11 -21.04 -24.16 -6.81
C ASP B 11 -20.75 -22.65 -6.77
N ARG B 12 -20.99 -21.99 -7.90
CA ARG B 12 -20.67 -20.57 -8.09
C ARG B 12 -21.87 -19.80 -8.58
N GLU B 13 -23.06 -20.25 -8.16
CA GLU B 13 -24.31 -19.57 -8.47
C GLU B 13 -25.09 -19.42 -7.16
N PHE B 14 -25.69 -18.25 -6.99
CA PHE B 14 -26.28 -17.85 -5.71
C PHE B 14 -27.52 -17.05 -6.00
N ASP B 15 -28.41 -16.92 -5.03
CA ASP B 15 -29.56 -16.03 -5.23
C ASP B 15 -29.08 -14.59 -5.17
N TYR B 16 -28.21 -14.31 -4.19
CA TYR B 16 -27.64 -12.96 -4.01
C TYR B 16 -26.13 -12.94 -3.89
N ILE B 17 -25.52 -12.00 -4.61
CA ILE B 17 -24.11 -11.72 -4.40
C ILE B 17 -24.00 -10.29 -3.86
N VAL B 18 -23.34 -10.14 -2.72
CA VAL B 18 -22.98 -8.84 -2.20
C VAL B 18 -21.48 -8.67 -2.41
N VAL B 19 -21.11 -7.57 -3.05
CA VAL B 19 -19.73 -7.27 -3.37
C VAL B 19 -19.18 -6.16 -2.44
N GLY B 20 -18.33 -6.56 -1.50
CA GLY B 20 -17.67 -5.63 -0.57
C GLY B 20 -18.22 -5.92 0.81
N GLY B 21 -17.39 -6.42 1.71
CA GLY B 21 -17.84 -6.84 3.05
C GLY B 21 -17.57 -5.78 4.11
N GLY B 22 -17.90 -4.54 3.77
CA GLY B 22 -17.65 -3.42 4.66
C GLY B 22 -18.85 -3.08 5.50
N SER B 23 -18.92 -1.82 5.96
CA SER B 23 -20.01 -1.40 6.86
C SER B 23 -21.40 -1.77 6.40
N ALA B 24 -21.76 -1.45 5.16
CA ALA B 24 -23.10 -1.74 4.66
C ALA B 24 -23.18 -3.16 4.11
N GLY B 25 -22.11 -3.60 3.45
CA GLY B 25 -22.17 -4.86 2.69
C GLY B 25 -22.37 -6.05 3.61
N ALA B 26 -21.60 -6.08 4.69
CA ALA B 26 -21.76 -7.11 5.69
C ALA B 26 -23.19 -7.13 6.22
N ALA B 27 -23.76 -5.96 6.50
CA ALA B 27 -25.17 -5.86 6.91
C ALA B 27 -26.16 -6.41 5.89
N VAL B 28 -26.05 -5.96 4.64
CA VAL B 28 -26.97 -6.43 3.60
C VAL B 28 -26.88 -7.98 3.49
N ALA B 29 -25.65 -8.50 3.40
CA ALA B 29 -25.42 -9.94 3.25
C ALA B 29 -26.07 -10.68 4.41
N ALA B 30 -25.75 -10.26 5.65
CA ALA B 30 -26.21 -10.97 6.85
C ALA B 30 -27.72 -10.95 6.97
N ARG B 31 -28.33 -9.81 6.68
CA ARG B 31 -29.78 -9.70 6.73
C ARG B 31 -30.47 -10.50 5.61
N LEU B 32 -29.91 -10.47 4.40
CA LEU B 32 -30.46 -11.26 3.29
C LEU B 32 -30.50 -12.76 3.61
N SER B 33 -29.48 -13.24 4.32
CA SER B 33 -29.32 -14.65 4.61
C SER B 33 -30.28 -15.12 5.72
N GLU B 34 -30.95 -14.17 6.38
CA GLU B 34 -31.90 -14.53 7.42
C GLU B 34 -33.09 -15.38 6.92
N ASP B 35 -33.39 -15.27 5.63
CA ASP B 35 -34.35 -16.15 4.97
C ASP B 35 -33.63 -17.40 4.43
N PRO B 36 -33.86 -18.57 5.05
CA PRO B 36 -33.11 -19.78 4.71
C PRO B 36 -33.41 -20.31 3.30
N ALA B 37 -34.48 -19.84 2.68
CA ALA B 37 -34.85 -20.26 1.32
C ALA B 37 -33.99 -19.61 0.24
CA VAL B 38 -32.19 -18.03 -0.32
C VAL B 38 -30.71 -18.21 0.04
N SER B 39 -29.88 -18.21 -0.98
CA SER B 39 -28.44 -18.31 -0.75
C SER B 39 -27.78 -16.97 -1.02
N VAL B 40 -26.75 -16.65 -0.23
CA VAL B 40 -26.08 -15.37 -0.31
C VAL B 40 -24.58 -15.59 -0.31
N ALA B 41 -23.90 -15.01 -1.30
CA ALA B 41 -22.44 -14.95 -1.31
C ALA B 41 -21.98 -13.52 -0.95
N LEU B 42 -21.03 -13.41 -0.03
CA LEU B 42 -20.37 -12.14 0.25
C LEU B 42 -18.94 -12.19 -0.24
N VAL B 43 -18.64 -11.37 -1.24
CA VAL B 43 -17.31 -11.28 -1.83
C VAL B 43 -16.55 -10.08 -1.27
N GLU B 44 -15.36 -10.34 -0.72
CA GLU B 44 -14.48 -9.30 -0.19
C GLU B 44 -13.05 -9.46 -0.71
N ALA B 45 -12.43 -8.34 -1.12
CA ALA B 45 -11.05 -8.34 -1.63
C ALA B 45 -10.00 -8.55 -0.55
N GLY B 46 -10.24 -8.02 0.65
CA GLY B 46 -9.32 -8.17 1.75
C GLY B 46 -9.47 -9.51 2.45
N PRO B 47 -8.58 -9.80 3.40
CA PRO B 47 -8.62 -11.07 4.16
C PRO B 47 -9.71 -11.15 5.21
N ASP B 48 -9.86 -12.34 5.78
CA ASP B 48 -10.68 -12.56 6.97
C ASP B 48 -10.10 -11.80 8.15
N ASP B 49 -10.97 -11.28 9.01
CA ASP B 49 -10.49 -10.52 10.17
C ASP B 49 -10.44 -11.33 11.48
N ARG B 50 -10.94 -12.55 11.44
CA ARG B 50 -10.97 -13.40 12.64
C ARG B 50 -9.59 -13.68 13.23
N GLY B 51 -9.51 -13.58 14.56
CA GLY B 51 -8.26 -13.70 15.29
C GLY B 51 -7.11 -12.85 14.70
N VAL B 52 -7.44 -11.70 14.11
CA VAL B 52 -6.41 -10.76 13.65
C VAL B 52 -6.40 -9.58 14.63
N PRO B 53 -5.46 -9.57 15.60
CA PRO B 53 -5.56 -8.66 16.73
C PRO B 53 -5.36 -7.17 16.43
N GLU B 54 -4.55 -6.82 15.43
CA GLU B 54 -4.35 -5.40 15.07
C GLU B 54 -5.63 -4.78 14.49
N VAL B 55 -6.48 -5.62 13.91
CA VAL B 55 -7.77 -5.22 13.41
C VAL B 55 -8.80 -5.25 14.54
N LEU B 56 -8.85 -6.35 15.27
CA LEU B 56 -9.90 -6.58 16.25
C LEU B 56 -9.80 -5.67 17.47
N GLN B 57 -8.59 -5.36 17.93
CA GLN B 57 -8.44 -4.50 19.09
C GLN B 57 -8.57 -3.05 18.66
N LEU B 58 -9.69 -2.44 19.02
CA LEU B 58 -9.96 -1.05 18.68
C LEU B 58 -8.81 -0.08 18.97
N ASP B 59 -8.19 -0.18 20.14
CA ASP B 59 -7.22 0.86 20.55
C ASP B 59 -5.90 0.87 19.74
N ARG B 60 -5.76 -0.10 18.84
CA ARG B 60 -4.63 -0.21 17.91
C ARG B 60 -4.96 0.41 16.54
N TRP B 61 -6.12 1.06 16.37
CA TRP B 61 -6.57 1.41 15.01
C TRP B 61 -5.60 2.35 14.29
N MET B 62 -4.97 3.26 15.00
CA MET B 62 -4.08 4.26 14.36
C MET B 62 -2.89 3.61 13.64
N GLU B 63 -2.42 2.47 14.18
CA GLU B 63 -1.39 1.60 13.54
C GLU B 63 -1.79 1.05 12.16
N LEU B 64 -3.07 1.11 11.83
CA LEU B 64 -3.55 0.57 10.55
C LEU B 64 -3.43 1.52 9.35
N LEU B 65 -3.23 2.81 9.61
CA LEU B 65 -3.09 3.79 8.54
C LEU B 65 -1.84 3.49 7.68
N GLU B 66 -2.03 3.28 6.38
CA GLU B 66 -0.91 3.02 5.44
C GLU B 66 -0.15 1.74 5.76
N SER B 67 -0.82 0.86 6.51
CA SER B 67 -0.36 -0.48 6.76
C SER B 67 -0.87 -1.36 5.64
N GLY B 68 -0.68 -2.68 5.80
CA GLY B 68 -1.10 -3.63 4.78
C GLY B 68 -2.58 -3.87 4.66
N TYR B 69 -3.37 -3.28 5.55
CA TYR B 69 -4.83 -3.40 5.47
C TYR B 69 -5.51 -2.17 4.80
N ASP B 70 -4.70 -1.33 4.17
CA ASP B 70 -5.15 -0.06 3.61
C ASP B 70 -4.99 -0.07 2.10
N TRP B 71 -6.08 0.17 1.37
CA TRP B 71 -5.98 0.36 -0.08
C TRP B 71 -5.04 1.53 -0.41
N ASP B 72 -5.05 2.54 0.48
CA ASP B 72 -4.20 3.75 0.43
C ASP B 72 -4.42 4.55 -0.85
N TYR B 73 -5.40 5.45 -0.82
CA TYR B 73 -5.73 6.24 -2.02
C TYR B 73 -5.24 7.68 -1.90
N PRO B 74 -4.10 8.03 -2.54
CA PRO B 74 -3.68 9.43 -2.56
C PRO B 74 -4.72 10.21 -3.37
N ILE B 75 -4.83 11.51 -3.10
CA ILE B 75 -5.78 12.34 -3.84
C ILE B 75 -5.03 13.07 -4.94
N GLU B 76 -5.75 13.49 -5.98
CA GLU B 76 -5.18 14.33 -7.04
C GLU B 76 -4.67 15.68 -6.47
N PRO B 77 -3.71 16.32 -7.16
CA PRO B 77 -3.29 17.65 -6.68
C PRO B 77 -4.47 18.62 -6.42
N GLN B 78 -4.46 19.25 -5.25
CA GLN B 78 -5.53 20.17 -4.83
C GLN B 78 -5.22 21.65 -5.10
N GLU B 79 -6.14 22.34 -5.78
CA GLU B 79 -5.97 23.78 -6.04
C GLU B 79 -5.95 24.58 -4.73
N ASN B 80 -6.81 24.22 -3.80
CA ASN B 80 -6.95 24.99 -2.55
C ASN B 80 -6.83 24.11 -1.29
N GLY B 81 -6.03 23.06 -1.39
CA GLY B 81 -5.95 22.11 -0.29
C GLY B 81 -4.63 21.41 -0.27
N ASN B 82 -4.59 20.34 0.50
CA ASN B 82 -3.37 19.68 0.85
C ASN B 82 -3.19 18.48 -0.07
N SER B 83 -2.32 18.62 -1.07
CA SER B 83 -2.06 17.56 -2.04
C SER B 83 -1.39 16.30 -1.48
N PHE B 84 -0.87 16.39 -0.26
CA PHE B 84 -0.26 15.22 0.40
C PHE B 84 -1.25 14.35 1.13
N MET B 85 -2.51 14.77 1.18
CA MET B 85 -3.51 14.05 1.96
C MET B 85 -3.83 12.71 1.31
N ARG B 86 -4.14 11.69 2.11
CA ARG B 86 -4.42 10.34 1.54
C ARG B 86 -5.72 9.83 2.12
N HIS B 87 -6.59 9.31 1.24
CA HIS B 87 -7.80 8.64 1.70
C HIS B 87 -7.53 7.21 2.08
N ALA B 88 -7.25 6.96 3.37
CA ALA B 88 -7.11 5.60 3.87
C ALA B 88 -8.47 4.89 3.73
N ARG B 89 -8.46 3.65 3.23
CA ARG B 89 -9.65 2.81 3.03
C ARG B 89 -9.26 1.38 3.36
N ALA B 90 -10.02 0.73 4.23
CA ALA B 90 -9.68 -0.64 4.69
C ALA B 90 -9.88 -1.70 3.61
N LYS B 91 -8.92 -2.63 3.54
CA LYS B 91 -8.94 -3.80 2.67
C LYS B 91 -8.86 -5.01 3.62
N VAL B 92 -10.03 -5.46 4.05
CA VAL B 92 -10.18 -6.42 5.14
C VAL B 92 -11.67 -6.62 5.40
N MET B 93 -12.06 -7.81 5.84
CA MET B 93 -13.47 -8.06 6.19
C MET B 93 -13.90 -6.99 7.21
N GLY B 94 -15.12 -6.47 7.06
CA GLY B 94 -15.59 -5.33 7.89
C GLY B 94 -15.35 -3.97 7.22
N GLY B 95 -14.47 -3.94 6.21
CA GLY B 95 -14.19 -2.71 5.47
C GLY B 95 -13.71 -1.64 6.42
N CYS B 96 -14.09 -0.39 6.19
CA CYS B 96 -13.64 0.65 7.10
C CYS B 96 -14.17 0.51 8.53
N SER B 97 -15.21 -0.27 8.74
CA SER B 97 -15.66 -0.52 10.14
C SER B 97 -14.59 -1.33 10.90
N SER B 98 -13.67 -1.92 10.16
CA SER B 98 -12.55 -2.70 10.75
C SER B 98 -11.25 -1.91 10.91
N HIS B 99 -11.20 -0.67 10.41
CA HIS B 99 -9.97 0.15 10.57
C HIS B 99 -10.18 1.47 11.30
N ASN B 100 -11.44 1.76 11.61
CA ASN B 100 -11.81 3.11 12.05
C ASN B 100 -11.76 3.30 13.57
N SER B 101 -12.21 4.47 14.03
CA SER B 101 -12.11 4.80 15.44
C SER B 101 -13.38 4.41 16.20
N CYS B 102 -14.29 3.69 15.54
CA CYS B 102 -15.57 3.26 16.14
C CYS B 102 -16.46 4.39 16.70
N ILE B 103 -16.33 5.62 16.20
CA ILE B 103 -17.19 6.67 16.74
C ILE B 103 -18.59 6.38 16.20
N ALA B 104 -19.58 6.34 17.10
CA ALA B 104 -20.91 5.84 16.71
C ALA B 104 -22.02 6.88 16.92
N PHE B 105 -22.65 7.30 15.83
CA PHE B 105 -23.73 8.31 15.86
C PHE B 105 -24.94 7.89 15.07
N TRP B 106 -26.13 8.09 15.65
CA TRP B 106 -27.34 8.21 14.84
C TRP B 106 -27.21 9.53 14.07
N ALA B 107 -27.67 9.56 12.83
CA ALA B 107 -27.70 10.84 12.07
C ALA B 107 -28.82 11.73 12.57
N PRO B 108 -28.63 13.07 12.52
CA PRO B 108 -29.73 13.96 12.84
C PRO B 108 -30.98 13.68 11.97
N ARG B 109 -32.15 13.71 12.60
CA ARG B 109 -33.40 13.48 11.88
C ARG B 109 -33.57 14.49 10.75
N GLU B 110 -33.00 15.68 10.93
CA GLU B 110 -33.16 16.74 9.94
C GLU B 110 -32.30 16.45 8.69
N ASP B 111 -31.15 15.79 8.86
CA ASP B 111 -30.36 15.30 7.70
C ASP B 111 -31.17 14.23 6.95
N LEU B 112 -31.65 13.22 7.67
CA LEU B 112 -32.35 12.12 7.02
C LEU B 112 -33.68 12.55 6.38
N ASP B 113 -34.47 13.41 7.06
CA ASP B 113 -35.76 13.87 6.49
C ASP B 113 -35.58 14.62 5.18
N GLU B 114 -34.44 15.31 5.05
CA GLU B 114 -34.10 16.06 3.82
C GLU B 114 -33.75 15.17 2.61
N TRP B 115 -33.32 13.93 2.84
CA TRP B 115 -33.03 13.05 1.69
C TRP B 115 -34.28 12.93 0.84
N GLU B 116 -35.42 12.76 1.51
CA GLU B 116 -36.72 12.71 0.83
C GLU B 116 -37.24 14.09 0.46
N ALA B 117 -37.27 15.01 1.43
CA ALA B 117 -37.96 16.29 1.27
C ALA B 117 -37.27 17.28 0.33
N LYS B 118 -35.94 17.25 0.31
CA LYS B 118 -35.12 18.13 -0.51
C LYS B 118 -34.53 17.42 -1.71
N TYR B 119 -34.07 16.18 -1.53
CA TYR B 119 -33.22 15.52 -2.53
C TYR B 119 -33.89 14.38 -3.31
N GLY B 120 -35.20 14.24 -3.14
CA GLY B 120 -36.01 13.41 -4.02
C GLY B 120 -36.00 11.93 -3.73
N ALA B 121 -35.32 11.52 -2.65
CA ALA B 121 -35.17 10.12 -2.29
C ALA B 121 -36.40 9.64 -1.53
N THR B 122 -37.50 9.49 -2.26
CA THR B 122 -38.75 8.97 -1.70
C THR B 122 -38.55 7.88 -0.68
N GLY B 123 -39.12 8.08 0.50
CA GLY B 123 -39.14 7.02 1.51
C GLY B 123 -37.88 6.99 2.37
N TRP B 124 -36.91 7.87 2.06
CA TRP B 124 -35.71 7.99 2.90
C TRP B 124 -35.87 9.18 3.84
N ASN B 125 -36.21 8.88 5.10
CA ASN B 125 -36.47 9.91 6.12
C ASN B 125 -36.22 9.31 7.51
N ALA B 126 -36.36 10.09 8.57
CA ALA B 126 -36.11 9.57 9.90
C ALA B 126 -37.10 8.43 10.26
N GLU B 127 -38.32 8.48 9.72
CA GLU B 127 -39.28 7.39 9.96
C GLU B 127 -38.79 6.03 9.46
N ALA B 128 -38.04 6.04 8.36
CA ALA B 128 -37.47 4.80 7.80
C ALA B 128 -36.23 4.36 8.60
N ALA B 129 -35.42 5.32 9.03
CA ALA B 129 -34.15 5.02 9.71
C ALA B 129 -34.24 4.66 11.17
N TRP B 130 -35.12 5.33 11.92
CA TRP B 130 -35.13 5.13 13.37
C TRP B 130 -35.25 3.66 13.78
N PRO B 131 -36.21 2.90 13.19
CA PRO B 131 -36.35 1.47 13.55
C PRO B 131 -35.15 0.63 13.14
N LEU B 132 -34.42 1.05 12.10
CA LEU B 132 -33.23 0.30 11.66
C LEU B 132 -32.05 0.52 12.58
N TYR B 133 -31.89 1.76 13.04
CA TYR B 133 -30.90 2.05 14.04
C TYR B 133 -31.18 1.24 15.29
N LYS B 134 -32.45 1.12 15.62
CA LYS B 134 -32.86 0.34 16.78
C LYS B 134 -32.56 -1.16 16.55
N ARG B 135 -32.89 -1.65 15.37
CA ARG B 135 -32.61 -3.03 14.97
C ARG B 135 -31.12 -3.39 14.97
N LEU B 136 -30.24 -2.47 14.57
CA LEU B 136 -28.82 -2.85 14.45
C LEU B 136 -28.04 -2.80 15.75
N GLU B 137 -28.51 -2.02 16.71
CA GLU B 137 -27.73 -1.78 17.92
C GLU B 137 -28.16 -2.53 19.16
N THR B 138 -27.19 -2.83 20.00
CA THR B 138 -27.38 -3.02 21.43
C THR B 138 -26.67 -1.85 22.08
N ASN B 139 -27.47 -0.90 22.56
CA ASN B 139 -26.95 0.33 23.07
C ASN B 139 -27.01 0.33 24.59
N GLU B 140 -25.89 0.68 25.20
CA GLU B 140 -25.77 0.84 26.65
C GLU B 140 -26.91 1.71 27.25
N ASP B 141 -27.43 2.69 26.50
CA ASP B 141 -28.44 3.60 27.01
C ASP B 141 -29.88 3.08 26.83
N ALA B 142 -30.06 1.87 26.29
CA ALA B 142 -31.39 1.35 26.08
C ALA B 142 -32.11 1.18 27.41
N GLY B 143 -33.43 1.32 27.36
CA GLY B 143 -34.28 1.14 28.54
C GLY B 143 -35.59 1.87 28.35
N PRO B 144 -36.50 1.76 29.33
CA PRO B 144 -37.79 2.45 29.16
C PRO B 144 -37.70 3.99 29.16
N ASP B 145 -36.62 4.56 29.68
CA ASP B 145 -36.47 6.04 29.64
C ASP B 145 -35.75 6.48 28.36
N ALA B 146 -35.46 5.52 27.48
CA ALA B 146 -34.86 5.81 26.14
C ALA B 146 -35.33 4.77 25.12
N PRO B 147 -36.65 4.76 24.85
CA PRO B 147 -37.25 3.65 24.11
C PRO B 147 -36.92 3.63 22.60
N HIS B 148 -36.27 4.68 22.10
CA HIS B 148 -35.81 4.59 20.70
C HIS B 148 -34.61 3.64 20.56
N HIS B 149 -33.83 3.46 21.63
CA HIS B 149 -32.59 2.66 21.51
C HIS B 149 -32.88 1.16 21.34
N GLY B 150 -32.02 0.44 20.60
CA GLY B 150 -32.08 -0.99 20.54
C GLY B 150 -31.35 -1.64 21.70
N ASP B 151 -31.86 -2.78 22.16
CA ASP B 151 -31.19 -3.52 23.23
C ASP B 151 -30.78 -4.93 22.79
N SER B 152 -30.93 -5.26 21.51
CA SER B 152 -30.78 -6.63 21.02
C SER B 152 -30.00 -6.77 19.73
N GLY B 153 -29.56 -5.65 19.16
CA GLY B 153 -28.94 -5.66 17.83
C GLY B 153 -27.54 -6.22 17.87
N PRO B 154 -26.98 -6.58 16.69
CA PRO B 154 -25.65 -7.15 16.67
C PRO B 154 -24.51 -6.16 16.91
N VAL B 155 -24.76 -4.87 16.68
CA VAL B 155 -23.71 -3.86 16.82
C VAL B 155 -23.75 -3.27 18.22
N HIS B 156 -22.73 -3.56 19.02
CA HIS B 156 -22.71 -3.08 20.41
C HIS B 156 -22.21 -1.66 20.54
N LEU B 157 -23.03 -0.77 21.12
CA LEU B 157 -22.60 0.60 21.40
C LEU B 157 -22.48 0.84 22.90
N MET B 158 -21.36 1.41 23.32
CA MET B 158 -21.12 1.68 24.72
C MET B 158 -20.70 3.13 24.89
N ASN B 159 -20.92 3.68 26.09
CA ASN B 159 -20.42 5.00 26.41
C ASN B 159 -18.93 4.94 26.72
N VAL B 160 -18.15 5.86 26.19
CA VAL B 160 -16.74 5.95 26.59
C VAL B 160 -16.71 6.42 28.06
N PRO B 161 -16.12 5.61 28.98
CA PRO B 161 -16.03 6.04 30.40
C PRO B 161 -15.20 7.32 30.55
N PRO B 162 -15.66 8.27 31.37
CA PRO B 162 -14.93 9.56 31.46
C PRO B 162 -13.69 9.52 32.34
N LYS B 163 -12.72 8.69 31.97
CA LYS B 163 -11.57 8.46 32.80
C LYS B 163 -10.37 9.38 32.51
N ASP B 164 -10.31 9.94 31.31
CA ASP B 164 -9.23 10.84 30.92
C ASP B 164 -9.44 12.20 31.59
N PRO B 165 -8.54 12.58 32.52
CA PRO B 165 -8.76 13.87 33.20
C PRO B 165 -8.67 15.09 32.27
N THR B 166 -7.85 15.02 31.21
CA THR B 166 -7.78 16.13 30.23
C THR B 166 -9.13 16.29 29.50
N GLY B 167 -9.75 15.17 29.18
CA GLY B 167 -11.05 15.14 28.55
C GLY B 167 -12.13 15.74 29.43
N VAL B 168 -12.12 15.39 30.72
CA VAL B 168 -13.08 15.90 31.69
C VAL B 168 -12.90 17.42 31.80
N ALA B 169 -11.65 17.83 31.92
CA ALA B 169 -11.30 19.24 31.97
C ALA B 169 -11.74 19.98 30.69
N LEU B 170 -11.58 19.35 29.53
CA LEU B 170 -11.90 19.99 28.26
C LEU B 170 -13.41 20.19 28.21
N LEU B 171 -14.15 19.20 28.67
CA LEU B 171 -15.61 19.35 28.77
C LEU B 171 -16.02 20.47 29.71
N ASP B 172 -15.34 20.55 30.85
CA ASP B 172 -15.54 21.67 31.77
C ASP B 172 -15.22 23.01 31.08
N ALA B 173 -14.17 23.05 30.26
CA ALA B 173 -13.80 24.23 29.46
C ALA B 173 -14.86 24.57 28.40
N CYS B 174 -15.40 23.53 27.76
CA CYS B 174 -16.55 23.67 26.89
C CYS B 174 -17.70 24.42 27.57
N GLU B 175 -18.18 23.91 28.71
CA GLU B 175 -19.20 24.62 29.53
C GLU B 175 -18.87 26.09 29.77
N GLN B 176 -17.62 26.38 30.12
CA GLN B 176 -17.17 27.74 30.35
C GLN B 176 -17.19 28.57 29.08
N ALA B 177 -16.99 27.93 27.94
CA ALA B 177 -17.05 28.59 26.66
C ALA B 177 -18.50 28.66 26.12
N GLY B 178 -19.46 28.18 26.89
CA GLY B 178 -20.89 28.22 26.52
C GLY B 178 -21.39 27.05 25.69
N ILE B 179 -20.65 25.95 25.74
CA ILE B 179 -21.03 24.67 25.08
C ILE B 179 -21.31 23.65 26.18
N PRO B 180 -22.60 23.35 26.43
CA PRO B 180 -22.96 22.41 27.49
C PRO B 180 -22.55 20.97 27.19
N ARG B 181 -22.38 20.16 28.23
CA ARG B 181 -22.41 18.71 28.08
C ARG B 181 -23.77 18.28 27.53
N ALA B 182 -23.77 17.34 26.60
CA ALA B 182 -24.99 16.87 25.99
C ALA B 182 -24.87 15.38 25.76
N LYS B 183 -25.94 14.66 26.01
CA LYS B 183 -25.95 13.22 25.73
C LYS B 183 -26.08 13.00 24.23
N PHE B 184 -25.32 12.04 23.69
CA PHE B 184 -25.40 11.70 22.26
C PHE B 184 -26.41 10.60 22.00
N ASN B 185 -26.89 10.57 20.77
CA ASN B 185 -27.78 9.52 20.27
C ASN B 185 -29.11 9.42 21.02
N THR B 186 -29.61 10.56 21.46
CA THR B 186 -30.88 10.57 22.21
C THR B 186 -32.09 10.65 21.30
N GLY B 187 -31.86 10.83 19.99
CA GLY B 187 -32.98 11.04 19.04
C GLY B 187 -33.11 12.52 18.67
N THR B 188 -32.52 13.36 19.51
CA THR B 188 -32.63 14.82 19.34
C THR B 188 -31.26 15.34 18.98
N THR B 189 -31.17 16.08 17.88
CA THR B 189 -29.89 16.57 17.36
C THR B 189 -29.15 17.48 18.33
N VAL B 190 -27.84 17.27 18.50
CA VAL B 190 -27.05 18.16 19.33
C VAL B 190 -26.52 19.28 18.46
N VAL B 191 -26.98 20.49 18.72
CA VAL B 191 -26.55 21.65 17.93
C VAL B 191 -25.41 22.34 18.64
N ASN B 192 -25.51 22.49 19.94
CA ASN B 192 -24.49 23.13 20.75
C ASN B 192 -24.28 22.25 21.98
N GLY B 193 -23.21 21.43 21.95
CA GLY B 193 -23.02 20.50 23.08
C GLY B 193 -21.81 19.63 22.86
N ALA B 194 -21.28 19.04 23.93
CA ALA B 194 -20.07 18.22 23.86
C ALA B 194 -20.17 17.05 24.84
N ASN B 195 -19.47 15.95 24.53
CA ASN B 195 -19.39 14.83 25.46
C ASN B 195 -18.38 13.78 25.03
N PHE B 196 -18.06 12.88 25.95
CA PHE B 196 -17.48 11.58 25.57
C PHE B 196 -18.41 10.88 24.59
N PHE B 197 -17.84 10.25 23.55
CA PHE B 197 -18.63 9.58 22.52
C PHE B 197 -19.32 8.32 22.99
N GLN B 198 -20.32 7.85 22.23
CA GLN B 198 -20.63 6.42 22.17
C GLN B 198 -19.75 5.81 21.09
N ILE B 199 -19.18 4.64 21.36
CA ILE B 199 -18.39 3.92 20.35
C ILE B 199 -18.97 2.51 20.13
N ASN B 200 -18.84 1.97 18.93
CA ASN B 200 -19.32 0.60 18.71
C ASN B 200 -18.19 -0.35 19.00
N ARG B 201 -18.03 -0.68 20.28
CA ARG B 201 -16.99 -1.58 20.74
C ARG B 201 -17.57 -2.55 21.79
N ARG B 202 -17.10 -3.79 21.77
CA ARG B 202 -17.50 -4.78 22.77
C ARG B 202 -16.83 -4.55 24.12
N ALA B 203 -17.37 -5.18 25.16
CA ALA B 203 -16.81 -5.04 26.51
C ALA B 203 -15.34 -5.42 26.61
N ASP B 204 -14.91 -6.40 25.81
CA ASP B 204 -13.51 -6.87 25.89
C ASP B 204 -12.50 -6.11 25.02
N GLY B 205 -12.94 -5.02 24.38
CA GLY B 205 -11.98 -4.19 23.62
C GLY B 205 -12.04 -4.44 22.13
N THR B 206 -12.79 -5.47 21.74
CA THR B 206 -13.01 -5.82 20.35
C THR B 206 -13.94 -4.81 19.69
N ARG B 207 -13.51 -4.30 18.53
CA ARG B 207 -14.33 -3.36 17.78
C ARG B 207 -15.61 -4.05 17.37
N SER B 208 -16.73 -3.35 17.53
CA SER B 208 -17.98 -3.94 17.06
C SER B 208 -18.17 -3.63 15.56
N SER B 209 -17.20 -4.06 14.76
CA SER B 209 -17.24 -3.89 13.30
C SER B 209 -18.43 -4.60 12.65
N SER B 210 -18.73 -4.30 11.38
CA SER B 210 -19.83 -4.99 10.72
C SER B 210 -19.53 -6.48 10.50
N SER B 211 -18.25 -6.83 10.40
CA SER B 211 -17.87 -8.24 10.31
C SER B 211 -17.97 -8.94 11.66
N VAL B 212 -17.42 -8.36 12.72
CA VAL B 212 -17.61 -8.93 14.07
C VAL B 212 -19.11 -9.10 14.38
N SER B 213 -19.88 -8.02 14.13
CA SER B 213 -21.29 -7.95 14.50
C SER B 213 -22.21 -8.86 13.68
N TYR B 214 -22.12 -8.78 12.35
CA TYR B 214 -23.04 -9.47 11.48
C TYR B 214 -22.56 -10.81 10.88
N ILE B 215 -21.25 -10.93 10.66
CA ILE B 215 -20.75 -12.04 9.83
C ILE B 215 -20.16 -13.19 10.66
N HIS B 216 -19.34 -12.85 11.64
CA HIS B 216 -18.69 -13.87 12.47
C HIS B 216 -19.67 -14.90 13.04
N PRO B 217 -20.88 -14.47 13.49
CA PRO B 217 -21.88 -15.44 13.99
C PRO B 217 -22.53 -16.34 12.94
N ILE B 218 -22.39 -16.00 11.66
CA ILE B 218 -23.10 -16.72 10.62
C ILE B 218 -22.20 -17.42 9.58
N VAL B 219 -20.90 -17.41 9.82
CA VAL B 219 -19.92 -17.95 8.86
C VAL B 219 -20.25 -19.39 8.43
N GLU B 220 -20.81 -20.18 9.34
CA GLU B 220 -21.12 -21.59 9.08
C GLU B 220 -22.57 -21.86 8.62
N GLN B 221 -23.42 -20.82 8.68
CA GLN B 221 -24.83 -20.96 8.33
C GLN B 221 -25.03 -21.54 6.92
N GLU B 222 -26.02 -22.44 6.79
CA GLU B 222 -26.16 -23.27 5.58
C GLU B 222 -26.27 -22.49 4.25
N ASN B 223 -26.99 -21.38 4.26
CA ASN B 223 -27.26 -20.63 3.04
C ASN B 223 -26.27 -19.48 2.76
N PHE B 224 -25.21 -19.40 3.53
CA PHE B 224 -24.29 -18.26 3.44
C PHE B 224 -22.89 -18.69 3.08
N THR B 225 -22.32 -18.03 2.07
CA THR B 225 -20.96 -18.29 1.61
C THR B 225 -20.11 -17.03 1.69
N LEU B 226 -19.03 -17.08 2.48
CA LEU B 226 -18.10 -15.95 2.59
C LEU B 226 -16.86 -16.20 1.71
N LEU B 227 -16.60 -15.30 0.77
CA LEU B 227 -15.40 -15.39 -0.08
C LEU B 227 -14.45 -14.23 0.10
N THR B 228 -13.31 -14.48 0.73
CA THR B 228 -12.32 -13.44 0.99
C THR B 228 -11.13 -13.51 0.02
N GLY B 229 -10.33 -12.45 -0.02
CA GLY B 229 -9.17 -12.39 -0.91
C GLY B 229 -9.56 -12.43 -2.38
N LEU B 230 -10.81 -12.08 -2.67
CA LEU B 230 -11.30 -12.05 -4.03
C LEU B 230 -11.66 -10.65 -4.45
N ARG B 231 -11.13 -10.22 -5.59
CA ARG B 231 -11.33 -8.84 -6.08
C ARG B 231 -12.21 -8.78 -7.31
N ALA B 232 -13.35 -8.09 -7.20
CA ALA B 232 -14.23 -7.84 -8.34
C ALA B 232 -13.57 -6.95 -9.40
N ARG B 233 -13.67 -7.33 -10.68
CA ARG B 233 -13.05 -6.52 -11.73
C ARG B 233 -14.09 -5.92 -12.67
N GLN B 234 -15.28 -6.52 -12.68
CA GLN B 234 -16.35 -6.10 -13.55
C GLN B 234 -17.65 -6.75 -13.06
N LEU B 235 -18.75 -6.01 -13.16
CA LEU B 235 -20.09 -6.58 -13.08
C LEU B 235 -20.40 -7.08 -14.47
N VAL B 236 -21.30 -8.05 -14.56
CA VAL B 236 -21.62 -8.61 -15.88
C VAL B 236 -23.13 -8.62 -16.14
N PHE B 237 -23.51 -8.26 -17.35
CA PHE B 237 -24.91 -8.04 -17.69
C PHE B 237 -25.36 -8.87 -18.88
N ASP B 238 -26.66 -9.20 -18.84
CA ASP B 238 -27.42 -9.75 -19.96
C ASP B 238 -27.31 -8.87 -21.19
N ALA B 239 -27.80 -9.40 -22.30
CA ALA B 239 -28.08 -8.58 -23.47
C ALA B 239 -29.30 -7.74 -23.14
N ASP B 240 -30.07 -8.18 -22.14
CA ASP B 240 -31.26 -7.49 -21.63
C ASP B 240 -30.94 -6.36 -20.64
N ARG B 241 -29.71 -6.34 -20.16
CA ARG B 241 -29.25 -5.41 -19.12
C ARG B 241 -29.68 -5.79 -17.71
N ARG B 242 -30.06 -7.05 -17.54
CA ARG B 242 -30.16 -7.64 -16.21
C ARG B 242 -28.74 -7.98 -15.78
N CYS B 243 -28.36 -7.58 -14.57
CA CYS B 243 -27.06 -7.95 -14.02
C CYS B 243 -27.14 -9.41 -13.61
N THR B 244 -26.17 -10.22 -14.04
CA THR B 244 -26.23 -11.66 -13.75
C THR B 244 -25.09 -12.12 -12.88
N GLY B 245 -24.21 -11.19 -12.52
CA GLY B 245 -23.13 -11.51 -11.61
C GLY B 245 -21.88 -10.66 -11.71
N VAL B 246 -20.78 -11.25 -11.25
CA VAL B 246 -19.53 -10.53 -11.08
C VAL B 246 -18.35 -11.39 -11.51
N ASP B 247 -17.43 -10.77 -12.26
CA ASP B 247 -16.12 -11.33 -12.56
C ASP B 247 -15.14 -10.96 -11.48
N ILE B 248 -14.49 -11.98 -10.92
CA ILE B 248 -13.54 -11.77 -9.84
C ILE B 248 -12.21 -12.45 -10.17
N VAL B 249 -11.16 -12.04 -9.46
CA VAL B 249 -9.81 -12.61 -9.56
C VAL B 249 -9.24 -12.83 -8.16
N ASP B 250 -8.52 -13.93 -7.93
CA ASP B 250 -7.91 -14.19 -6.62
C ASP B 250 -6.55 -13.55 -6.46
N SER B 251 -6.00 -13.09 -7.58
CA SER B 251 -4.74 -12.35 -7.59
C SER B 251 -4.66 -11.52 -8.87
N ALA B 252 -3.88 -10.43 -8.82
CA ALA B 252 -3.77 -9.49 -9.96
C ALA B 252 -3.49 -10.16 -11.31
N PHE B 253 -2.71 -11.24 -11.29
CA PHE B 253 -2.38 -11.96 -12.53
C PHE B 253 -3.09 -13.28 -12.78
N GLY B 254 -3.98 -13.69 -11.88
CA GLY B 254 -4.72 -14.94 -12.06
C GLY B 254 -5.87 -14.93 -13.06
N HIS B 255 -6.49 -16.07 -13.19
CA HIS B 255 -7.66 -16.19 -14.07
C HIS B 255 -8.87 -15.46 -13.51
N THR B 256 -9.80 -15.13 -14.38
CA THR B 256 -11.06 -14.49 -14.02
C THR B 256 -12.16 -15.54 -13.78
N HIS B 257 -12.79 -15.50 -12.60
CA HIS B 257 -13.88 -16.41 -12.27
C HIS B 257 -15.20 -15.67 -12.17
N ARG B 258 -16.22 -16.19 -12.85
CA ARG B 258 -17.56 -15.64 -12.74
C ARG B 258 -18.35 -16.23 -11.57
N LEU B 259 -18.89 -15.36 -10.70
CA LEU B 259 -19.91 -15.76 -9.74
C LEU B 259 -21.24 -15.28 -10.31
N THR B 260 -22.25 -16.13 -10.27
CA THR B 260 -23.55 -15.81 -10.85
C THR B 260 -24.61 -15.58 -9.77
N ALA B 261 -25.52 -14.65 -10.04
CA ALA B 261 -26.63 -14.33 -9.12
C ALA B 261 -27.93 -14.51 -9.84
N ARG B 262 -28.86 -15.22 -9.21
CA ARG B 262 -30.17 -15.47 -9.82
C ARG B 262 -31.15 -14.32 -9.56
N ASN B 263 -31.06 -13.69 -8.38
CA ASN B 263 -31.98 -12.60 -8.01
C ASN B 263 -31.39 -11.20 -8.23
N GLU B 264 -30.38 -10.86 -7.43
CA GLU B 264 -29.79 -9.51 -7.43
C GLU B 264 -28.33 -9.50 -7.02
N VAL B 265 -27.62 -8.50 -7.52
CA VAL B 265 -26.27 -8.22 -7.07
C VAL B 265 -26.35 -6.89 -6.29
N VAL B 266 -25.69 -6.84 -5.14
CA VAL B 266 -25.59 -5.61 -4.36
C VAL B 266 -24.13 -5.18 -4.31
N LEU B 267 -23.87 -3.99 -4.82
CA LEU B 267 -22.53 -3.44 -4.79
C LEU B 267 -22.36 -2.64 -3.51
N SER B 268 -21.35 -2.98 -2.71
CA SER B 268 -21.10 -2.34 -1.41
C SER B 268 -19.60 -2.10 -1.20
N THR B 269 -18.93 -1.79 -2.29
CA THR B 269 -17.51 -1.54 -2.29
C THR B 269 -17.13 -0.12 -1.80
N GLY B 270 -18.10 0.70 -1.38
CA GLY B 270 -17.79 2.00 -0.72
C GLY B 270 -17.74 3.18 -1.71
N ALA B 271 -17.54 4.40 -1.18
CA ALA B 271 -17.68 5.58 -2.01
C ALA B 271 -16.60 5.77 -3.05
N ILE B 272 -15.47 5.09 -2.89
CA ILE B 272 -14.40 5.20 -3.87
C ILE B 272 -14.46 4.07 -4.92
N ASP B 273 -14.58 2.84 -4.44
CA ASP B 273 -14.48 1.67 -5.31
C ASP B 273 -15.77 1.30 -6.04
N THR B 274 -16.91 1.66 -5.45
CA THR B 274 -18.19 1.50 -6.16
C THR B 274 -18.27 2.27 -7.45
N PRO B 275 -18.02 3.61 -7.42
CA PRO B 275 -18.13 4.26 -8.75
C PRO B 275 -17.14 3.71 -9.76
N LYS B 276 -15.94 3.35 -9.31
CA LYS B 276 -14.94 2.73 -10.16
C LYS B 276 -15.45 1.44 -10.83
N LEU B 277 -16.07 0.57 -10.04
CA LEU B 277 -16.58 -0.69 -10.51
C LEU B 277 -17.74 -0.54 -11.46
N LEU B 278 -18.62 0.43 -11.21
CA LEU B 278 -19.70 0.74 -12.14
C LEU B 278 -19.14 1.22 -13.47
N MET B 279 -18.19 2.14 -13.42
CA MET B 279 -17.62 2.72 -14.64
C MET B 279 -16.90 1.66 -15.49
N LEU B 280 -16.16 0.78 -14.83
CA LEU B 280 -15.51 -0.37 -15.48
C LEU B 280 -16.49 -1.35 -16.11
N SER B 281 -17.65 -1.46 -15.48
CA SER B 281 -18.71 -2.33 -15.95
C SER B 281 -19.58 -1.70 -17.02
N GLY B 282 -19.29 -0.45 -17.41
CA GLY B 282 -20.07 0.22 -18.43
C GLY B 282 -21.16 1.19 -18.01
N ILE B 283 -21.25 1.47 -16.71
CA ILE B 283 -22.30 2.36 -16.21
C ILE B 283 -21.61 3.62 -15.65
N GLY B 284 -21.79 4.75 -16.30
CA GLY B 284 -21.09 5.95 -15.88
C GLY B 284 -21.20 7.04 -16.92
N PRO B 285 -20.47 8.14 -16.74
CA PRO B 285 -20.58 9.23 -17.71
C PRO B 285 -20.01 8.78 -19.07
N ALA B 286 -20.80 8.86 -20.14
CA ALA B 286 -20.45 8.23 -21.43
C ALA B 286 -19.11 8.71 -22.01
N ALA B 287 -18.86 10.02 -21.98
CA ALA B 287 -17.61 10.56 -22.54
C ALA B 287 -16.37 10.06 -21.80
N HIS B 288 -16.47 9.94 -20.48
CA HIS B 288 -15.39 9.42 -19.63
C HIS B 288 -15.11 7.93 -19.89
N LEU B 289 -16.17 7.14 -19.96
CA LEU B 289 -16.01 5.73 -20.32
C LEU B 289 -15.33 5.60 -21.69
N ALA B 290 -15.85 6.34 -22.67
CA ALA B 290 -15.30 6.31 -24.04
C ALA B 290 -13.82 6.67 -24.08
N GLU B 291 -13.43 7.66 -23.27
CA GLU B 291 -12.04 8.05 -23.08
C GLU B 291 -11.14 6.87 -22.68
N HIS B 292 -11.70 5.92 -21.95
CA HIS B 292 -10.93 4.77 -21.49
C HIS B 292 -11.26 3.48 -22.23
N GLY B 293 -11.89 3.62 -23.38
CA GLY B 293 -12.22 2.46 -24.21
C GLY B 293 -13.32 1.56 -23.71
N ILE B 294 -14.21 2.07 -22.85
CA ILE B 294 -15.21 1.22 -22.26
C ILE B 294 -16.54 1.42 -22.95
N GLU B 295 -17.17 0.31 -23.32
CA GLU B 295 -18.48 0.34 -23.99
C GLU B 295 -19.51 0.86 -22.99
N VAL B 296 -20.24 1.87 -23.38
CA VAL B 296 -21.25 2.46 -22.52
C VAL B 296 -22.52 1.62 -22.51
N LEU B 297 -22.78 0.97 -21.38
CA LEU B 297 -24.02 0.22 -21.19
C LEU B 297 -25.15 1.16 -20.74
N VAL B 298 -24.83 2.06 -19.80
CA VAL B 298 -25.76 3.12 -19.35
C VAL B 298 -24.96 4.41 -19.19
N ASP B 299 -25.38 5.47 -19.88
CA ASP B 299 -24.79 6.76 -19.70
C ASP B 299 -25.44 7.36 -18.45
N SER B 300 -24.71 7.29 -17.35
CA SER B 300 -25.20 7.73 -16.05
C SER B 300 -24.22 8.81 -15.52
N PRO B 301 -24.47 10.08 -15.89
CA PRO B 301 -23.50 11.15 -15.62
C PRO B 301 -23.19 11.45 -14.13
N GLY B 302 -24.02 10.98 -13.22
CA GLY B 302 -23.81 11.18 -11.77
C GLY B 302 -22.82 10.22 -11.11
N VAL B 303 -22.46 9.13 -11.80
CA VAL B 303 -21.52 8.15 -11.25
C VAL B 303 -20.12 8.76 -11.09
N GLY B 304 -19.65 8.80 -9.85
CA GLY B 304 -18.38 9.42 -9.56
C GLY B 304 -18.48 10.92 -9.30
N GLU B 305 -19.66 11.52 -9.52
CA GLU B 305 -19.82 12.96 -9.23
C GLU B 305 -20.29 13.14 -7.79
N HIS B 306 -20.29 14.39 -7.31
CA HIS B 306 -20.86 14.75 -6.00
C HIS B 306 -20.11 14.16 -4.80
N LEU B 307 -18.79 13.90 -4.95
CA LEU B 307 -18.00 13.43 -3.85
C LEU B 307 -18.01 14.47 -2.73
N GLN B 308 -18.47 14.05 -1.57
CA GLN B 308 -18.46 14.92 -0.39
C GLN B 308 -17.63 14.31 0.71
N ASP B 309 -17.22 15.15 1.66
CA ASP B 309 -16.39 14.67 2.78
C ASP B 309 -16.51 15.68 3.93
N HIS B 310 -16.00 15.31 5.09
CA HIS B 310 -15.80 16.24 6.18
C HIS B 310 -14.32 16.59 6.22
N PRO B 311 -13.96 17.77 5.65
CA PRO B 311 -12.54 18.12 5.70
C PRO B 311 -12.21 18.52 7.15
N GLU B 312 -10.94 18.41 7.55
CA GLU B 312 -10.58 18.51 8.97
C GLU B 312 -9.31 19.33 9.15
N GLY B 313 -9.28 20.23 10.13
CA GLY B 313 -8.06 20.96 10.47
C GLY B 313 -7.51 20.35 11.76
N VAL B 314 -6.37 20.85 12.21
CA VAL B 314 -5.81 20.39 13.48
C VAL B 314 -5.23 21.57 14.26
N VAL B 315 -5.46 21.59 15.56
CA VAL B 315 -4.74 22.45 16.47
C VAL B 315 -4.09 21.54 17.50
N GLN B 316 -2.78 21.65 17.62
CA GLN B 316 -1.97 20.81 18.50
C GLN B 316 -1.38 21.61 19.60
N PHE B 317 -1.44 21.02 20.81
CA PHE B 317 -0.86 21.63 22.01
C PHE B 317 0.09 20.66 22.74
N GLU B 318 1.19 21.18 23.29
CA GLU B 318 1.93 20.44 24.35
C GLU B 318 1.03 20.37 25.59
N ALA B 319 1.04 19.24 26.28
CA ALA B 319 0.29 19.10 27.54
C ALA B 319 1.19 19.48 28.71
N LYS B 320 0.64 20.20 29.68
CA LYS B 320 1.44 20.61 30.85
C LYS B 320 1.71 19.48 31.88
N GLN B 321 0.98 18.37 31.72
CA GLN B 321 1.13 17.21 32.59
C GLN B 321 1.12 15.97 31.70
N PRO B 322 1.59 14.82 32.23
CA PRO B 322 1.55 13.60 31.42
C PRO B 322 0.15 13.18 30.97
N MET B 323 0.03 12.90 29.68
CA MET B 323 -1.24 12.52 29.06
C MET B 323 -1.58 11.08 29.41
N VAL B 324 -2.86 10.71 29.38
CA VAL B 324 -3.27 9.32 29.65
C VAL B 324 -2.52 8.34 28.78
N ALA B 325 -2.19 7.19 29.40
CA ALA B 325 -1.39 6.17 28.76
C ALA B 325 -2.24 5.10 28.10
N GLU B 326 -3.53 5.07 28.45
CA GLU B 326 -4.47 4.05 27.97
C GLU B 326 -5.71 4.77 27.47
N SER B 327 -6.41 4.16 26.50
CA SER B 327 -7.61 4.78 25.96
C SER B 327 -8.52 3.77 25.32
N THR B 328 -9.74 4.15 25.04
CA THR B 328 -10.60 3.35 24.18
C THR B 328 -10.11 3.41 22.73
N GLN B 329 -9.88 4.63 22.21
CA GLN B 329 -9.48 4.78 20.81
C GLN B 329 -8.79 6.15 20.52
N TRP B 330 -8.34 6.83 21.57
CA TRP B 330 -7.49 8.07 21.49
C TRP B 330 -8.18 9.36 21.03
N TRP B 331 -9.45 9.25 20.63
CA TRP B 331 -10.28 10.35 20.06
C TRP B 331 -11.67 10.27 20.70
N GLU B 332 -11.72 10.57 22.00
CA GLU B 332 -12.86 10.13 22.86
C GLU B 332 -14.00 11.12 23.00
N ILE B 333 -13.75 12.37 22.63
CA ILE B 333 -14.76 13.45 22.81
C ILE B 333 -15.08 14.14 21.48
N GLY B 334 -16.34 14.52 21.30
CA GLY B 334 -16.78 15.34 20.15
C GLY B 334 -17.46 16.59 20.70
N ILE B 335 -17.32 17.69 19.96
CA ILE B 335 -17.82 18.99 20.35
C ILE B 335 -18.55 19.57 19.13
N PHE B 336 -19.81 19.95 19.32
CA PHE B 336 -20.65 20.50 18.23
C PHE B 336 -20.97 21.92 18.61
N THR B 337 -20.82 22.85 17.69
CA THR B 337 -21.23 24.22 17.98
C THR B 337 -21.64 24.99 16.70
N PRO B 338 -22.68 25.84 16.79
CA PRO B 338 -23.05 26.59 15.58
C PRO B 338 -22.18 27.84 15.40
N THR B 339 -21.61 28.05 14.21
CA THR B 339 -20.86 29.30 14.05
C THR B 339 -21.76 30.49 13.67
N GLU B 340 -22.99 30.23 13.26
CA GLU B 340 -23.96 31.30 13.01
C GLU B 340 -25.27 30.98 13.71
N ASP B 341 -26.11 32.00 13.85
CA ASP B 341 -27.50 31.87 14.35
C ASP B 341 -28.45 31.18 13.39
N GLY B 342 -29.47 30.56 13.96
CA GLY B 342 -30.61 30.09 13.17
C GLY B 342 -30.40 28.73 12.54
N LEU B 343 -29.45 27.96 13.07
CA LEU B 343 -29.11 26.66 12.52
C LEU B 343 -29.86 25.56 13.24
N ASP B 344 -30.32 24.51 12.53
CA ASP B 344 -30.94 23.37 13.21
C ASP B 344 -29.99 22.16 13.35
N ARG B 345 -28.74 22.35 12.90
CA ARG B 345 -27.68 21.33 12.97
C ARG B 345 -26.42 22.18 13.10
N PRO B 346 -25.40 21.68 13.83
CA PRO B 346 -24.13 22.43 14.01
C PRO B 346 -23.41 22.47 12.66
N ASP B 347 -22.76 23.60 12.31
CA ASP B 347 -22.01 23.64 11.06
C ASP B 347 -20.57 23.21 11.29
N LEU B 348 -20.21 23.15 12.57
CA LEU B 348 -18.86 22.86 13.01
C LEU B 348 -18.85 21.75 14.06
N MET B 349 -17.92 20.81 13.88
CA MET B 349 -17.64 19.76 14.88
C MET B 349 -16.12 19.78 15.19
N MET B 350 -15.74 19.34 16.40
CA MET B 350 -14.32 19.09 16.71
C MET B 350 -14.22 17.78 17.41
N HIS B 351 -13.16 17.03 17.09
CA HIS B 351 -12.76 15.90 17.94
C HIS B 351 -11.64 16.34 18.89
N TYR B 352 -11.55 15.66 20.05
CA TYR B 352 -10.40 15.81 20.93
C TYR B 352 -9.63 14.49 20.91
N GLY B 353 -8.33 14.58 20.62
CA GLY B 353 -7.43 13.41 20.63
C GLY B 353 -6.42 13.61 21.73
N SER B 354 -6.19 12.57 22.53
CA SER B 354 -5.23 12.61 23.62
C SER B 354 -3.79 12.38 23.14
N VAL B 355 -3.56 12.60 21.84
CA VAL B 355 -2.26 12.43 21.20
C VAL B 355 -1.98 13.58 20.22
N PRO B 356 -0.70 13.86 19.93
CA PRO B 356 -0.46 14.83 18.85
C PRO B 356 -0.78 14.15 17.52
N PHE B 357 -1.18 14.96 16.55
CA PHE B 357 -1.58 14.41 15.27
C PHE B 357 -0.82 15.19 14.20
N ASP B 358 0.43 14.76 13.97
CA ASP B 358 1.33 15.54 13.14
C ASP B 358 1.42 15.01 11.69
N MET B 359 0.45 14.16 11.30
CA MET B 359 0.39 13.60 9.92
C MET B 359 0.65 14.61 8.83
N ASN B 360 0.04 15.81 8.95
CA ASN B 360 0.19 16.81 7.91
C ASN B 360 0.93 18.06 8.31
N THR B 361 1.42 18.12 9.56
CA THR B 361 2.11 19.31 10.01
C THR B 361 3.61 19.14 9.99
N LEU B 362 4.09 17.91 10.23
CA LEU B 362 5.53 17.64 10.28
C LEU B 362 6.25 18.01 8.97
N ARG B 363 5.67 17.66 7.82
CA ARG B 363 6.30 18.03 6.53
C ARG B 363 6.39 19.55 6.29
N HIS B 364 5.63 20.34 7.05
CA HIS B 364 5.72 21.79 6.94
C HIS B 364 6.50 22.44 8.09
N GLY B 365 7.20 21.61 8.85
CA GLY B 365 8.15 22.13 9.84
C GLY B 365 7.56 22.58 11.15
N TYR B 366 6.29 22.27 11.42
CA TYR B 366 5.70 22.59 12.71
C TYR B 366 6.35 21.70 13.79
N PRO B 367 6.53 22.25 15.01
CA PRO B 367 7.18 21.45 16.06
C PRO B 367 6.36 20.24 16.49
N THR B 368 7.06 19.23 17.00
CA THR B 368 6.49 17.91 17.35
C THR B 368 6.58 17.75 18.87
N THR B 369 5.80 16.83 19.42
CA THR B 369 5.88 16.50 20.84
C THR B 369 5.53 15.03 21.03
N GLU B 370 5.88 14.50 22.18
CA GLU B 370 5.47 13.16 22.54
C GLU B 370 4.48 13.19 23.71
N ASN B 371 4.13 14.40 24.13
CA ASN B 371 3.12 14.53 25.18
C ASN B 371 2.27 15.76 24.91
N GLY B 372 1.10 15.52 24.31
CA GLY B 372 0.27 16.65 23.87
C GLY B 372 -1.07 16.15 23.44
N PHE B 373 -1.91 17.07 22.97
CA PHE B 373 -3.26 16.68 22.57
C PHE B 373 -3.64 17.50 21.35
N SER B 374 -4.73 17.08 20.72
CA SER B 374 -5.15 17.66 19.42
C SER B 374 -6.60 18.03 19.46
N LEU B 375 -6.94 19.15 18.82
CA LEU B 375 -8.34 19.45 18.60
C LEU B 375 -8.49 19.58 17.09
N THR B 376 -9.45 18.84 16.52
CA THR B 376 -9.58 18.74 15.06
C THR B 376 -10.93 19.25 14.61
N PRO B 377 -11.00 20.54 14.24
CA PRO B 377 -12.28 21.05 13.74
C PRO B 377 -12.61 20.47 12.36
N ASN B 378 -13.88 20.17 12.13
CA ASN B 378 -14.30 19.72 10.78
C ASN B 378 -15.57 20.45 10.32
N VAL B 379 -15.78 20.51 9.02
CA VAL B 379 -16.92 21.22 8.46
C VAL B 379 -18.02 20.19 8.24
N THR B 380 -19.16 20.32 8.91
CA THR B 380 -20.14 19.23 8.95
C THR B 380 -20.95 19.09 7.66
N HIS B 381 -21.16 20.20 6.95
CA HIS B 381 -21.86 20.21 5.67
C HIS B 381 -21.04 21.02 4.67
N ALA B 382 -19.90 20.44 4.26
CA ALA B 382 -18.99 21.10 3.35
C ALA B 382 -19.71 21.29 2.01
N ARG B 383 -19.51 22.46 1.44
CA ARG B 383 -20.14 22.82 0.18
C ARG B 383 -19.32 22.41 -1.03
N SER B 384 -18.04 22.14 -0.83
CA SER B 384 -17.18 21.73 -1.95
C SER B 384 -17.66 20.37 -2.47
N ARG B 385 -17.52 20.16 -3.78
CA ARG B 385 -17.87 18.87 -4.40
C ARG B 385 -16.77 18.36 -5.33
N GLY B 386 -16.44 17.08 -5.22
CA GLY B 386 -15.33 16.49 -6.02
C GLY B 386 -15.80 15.31 -6.84
N THR B 387 -14.86 14.53 -7.35
CA THR B 387 -15.20 13.41 -8.21
C THR B 387 -14.29 12.22 -7.92
N VAL B 388 -14.76 11.03 -8.32
CA VAL B 388 -13.93 9.83 -8.39
C VAL B 388 -13.98 9.41 -9.85
N ARG B 389 -12.80 9.31 -10.47
CA ARG B 389 -12.76 9.06 -11.92
C ARG B 389 -11.83 7.89 -12.17
N LEU B 390 -11.96 7.26 -13.34
CA LEU B 390 -11.02 6.21 -13.71
C LEU B 390 -9.67 6.83 -14.09
N ARG B 391 -8.60 6.21 -13.60
CA ARG B 391 -7.23 6.52 -14.03
C ARG B 391 -6.95 5.82 -15.39
N SER B 392 -7.64 4.70 -15.63
CA SER B 392 -7.44 3.89 -16.83
C SER B 392 -8.53 2.82 -16.89
N ARG B 393 -8.54 2.01 -17.96
CA ARG B 393 -9.49 0.90 -18.07
C ARG B 393 -9.07 -0.35 -17.29
N ASP B 394 -7.88 -0.32 -16.69
CA ASP B 394 -7.35 -1.44 -15.92
C ASP B 394 -7.83 -1.37 -14.47
N PHE B 395 -8.59 -2.39 -14.06
CA PHE B 395 -9.17 -2.51 -12.71
C PHE B 395 -8.15 -2.46 -11.58
N ARG B 396 -6.89 -2.75 -11.89
CA ARG B 396 -5.86 -2.74 -10.88
C ARG B 396 -5.29 -1.35 -10.65
N ASP B 397 -5.65 -0.38 -11.47
CA ASP B 397 -5.11 0.98 -11.27
C ASP B 397 -6.00 1.73 -10.26
N LYS B 398 -5.40 2.39 -9.27
CA LYS B 398 -6.18 3.17 -8.29
C LYS B 398 -6.97 4.26 -9.00
N PRO B 399 -8.20 4.55 -8.55
CA PRO B 399 -8.96 5.62 -9.22
C PRO B 399 -8.34 6.98 -8.90
N MET B 400 -8.76 8.00 -9.65
CA MET B 400 -8.36 9.38 -9.39
C MET B 400 -9.36 9.99 -8.41
N VAL B 401 -8.94 10.27 -7.19
CA VAL B 401 -9.85 10.76 -6.17
C VAL B 401 -9.56 12.25 -5.97
N ASP B 402 -10.51 13.11 -6.27
CA ASP B 402 -10.30 14.56 -6.22
C ASP B 402 -11.43 15.25 -5.46
N PRO B 403 -11.30 15.36 -4.13
CA PRO B 403 -12.40 15.97 -3.34
C PRO B 403 -12.61 17.47 -3.57
N ARG B 404 -11.64 18.14 -4.22
CA ARG B 404 -11.70 19.58 -4.50
C ARG B 404 -11.97 20.39 -3.23
N TYR B 405 -11.20 20.07 -2.19
CA TYR B 405 -11.37 20.67 -0.87
C TYR B 405 -11.28 22.20 -0.97
N PHE B 406 -12.15 22.90 -0.24
CA PHE B 406 -12.11 24.36 -0.11
C PHE B 406 -12.21 25.08 -1.45
N THR B 407 -13.05 24.56 -2.33
CA THR B 407 -13.24 25.19 -3.65
C THR B 407 -14.63 25.78 -3.78
N ASP B 408 -15.45 25.71 -2.74
CA ASP B 408 -16.81 26.30 -2.84
C ASP B 408 -16.70 27.83 -3.02
N PRO B 409 -17.49 28.40 -3.96
CA PRO B 409 -17.24 29.78 -4.36
C PRO B 409 -17.53 30.78 -3.26
N GLU B 410 -18.33 30.41 -2.26
CA GLU B 410 -18.64 31.30 -1.14
C GLU B 410 -17.55 31.29 -0.06
N GLY B 411 -16.53 30.43 -0.21
CA GLY B 411 -15.55 30.17 0.85
C GLY B 411 -16.15 29.75 2.19
N HIS B 412 -17.31 29.08 2.15
CA HIS B 412 -17.98 28.53 3.36
C HIS B 412 -17.09 27.55 4.12
N ASP B 413 -16.47 26.61 3.41
CA ASP B 413 -15.71 25.55 4.04
C ASP B 413 -14.52 26.14 4.78
N MET B 414 -13.82 27.05 4.13
CA MET B 414 -12.70 27.74 4.74
C MET B 414 -13.15 28.64 5.94
N ARG B 415 -14.25 29.36 5.77
CA ARG B 415 -14.82 30.19 6.83
C ARG B 415 -15.12 29.36 8.07
N VAL B 416 -15.81 28.22 7.90
CA VAL B 416 -16.13 27.37 9.03
C VAL B 416 -14.86 26.81 9.69
N MET B 417 -13.91 26.35 8.87
CA MET B 417 -12.64 25.85 9.37
C MET B 417 -11.84 26.91 10.16
N VAL B 418 -11.75 28.14 9.64
CA VAL B 418 -11.06 29.23 10.35
C VAL B 418 -11.76 29.46 11.73
N ALA B 419 -13.10 29.50 11.72
CA ALA B 419 -13.89 29.63 12.95
C ALA B 419 -13.63 28.45 13.91
N GLY B 420 -13.47 27.25 13.36
CA GLY B 420 -13.11 26.04 14.11
C GLY B 420 -11.76 26.12 14.82
N ILE B 421 -10.75 26.63 14.13
CA ILE B 421 -9.42 26.83 14.73
C ILE B 421 -9.52 27.85 15.88
N ARG B 422 -10.19 28.96 15.62
CA ARG B 422 -10.43 30.00 16.65
C ARG B 422 -11.22 29.45 17.84
N LYS B 423 -12.23 28.62 17.58
CA LYS B 423 -13.03 28.07 18.68
C LYS B 423 -12.21 27.06 19.49
N ALA B 424 -11.42 26.22 18.81
CA ALA B 424 -10.59 25.23 19.47
C ALA B 424 -9.63 25.98 20.42
N ARG B 425 -9.04 27.06 19.93
CA ARG B 425 -8.19 27.91 20.78
C ARG B 425 -8.93 28.49 21.99
N GLU B 426 -10.11 29.06 21.76
CA GLU B 426 -10.95 29.58 22.86
C GLU B 426 -11.24 28.54 23.96
N ILE B 427 -11.59 27.32 23.55
CA ILE B 427 -11.92 26.28 24.49
C ILE B 427 -10.65 25.89 25.27
N ALA B 428 -9.55 25.70 24.54
CA ALA B 428 -8.27 25.27 25.18
C ALA B 428 -7.71 26.33 26.15
N ALA B 429 -8.17 27.57 25.99
CA ALA B 429 -7.72 28.70 26.81
C ALA B 429 -8.60 28.95 28.04
N GLN B 430 -9.71 28.23 28.19
CA GLN B 430 -10.60 28.45 29.35
C GLN B 430 -9.93 28.05 30.68
N PRO B 431 -10.34 28.67 31.82
CA PRO B 431 -9.77 28.30 33.14
C PRO B 431 -9.71 26.80 33.45
N ALA B 432 -10.78 26.06 33.13
CA ALA B 432 -10.79 24.60 33.34
C ALA B 432 -9.66 23.84 32.64
N MET B 433 -9.03 24.46 31.65
CA MET B 433 -7.92 23.79 30.97
C MET B 433 -6.56 24.34 31.36
N ALA B 434 -6.53 25.24 32.35
CA ALA B 434 -5.29 26.00 32.63
C ALA B 434 -4.12 25.09 33.07
N GLU B 435 -4.44 23.95 33.65
CA GLU B 435 -3.38 23.01 34.13
C GLU B 435 -2.98 22.02 33.03
N TRP B 436 -3.58 22.14 31.84
CA TRP B 436 -3.35 21.18 30.77
C TRP B 436 -2.76 21.78 29.49
N THR B 437 -3.37 22.87 29.01
CA THR B 437 -2.94 23.52 27.78
C THR B 437 -1.59 24.20 27.87
N GLY B 438 -0.59 23.62 27.22
CA GLY B 438 0.71 24.29 27.11
C GLY B 438 0.84 24.98 25.78
N ARG B 439 2.09 25.05 25.28
CA ARG B 439 2.40 25.78 24.06
C ARG B 439 1.55 25.25 22.88
N GLU B 440 0.98 26.15 22.10
CA GLU B 440 0.35 25.74 20.83
C GLU B 440 1.43 25.43 19.78
N LEU B 441 1.48 24.17 19.36
CA LEU B 441 2.49 23.69 18.38
C LEU B 441 2.12 24.04 16.94
N SER B 442 0.85 23.87 16.59
CA SER B 442 0.41 24.24 15.25
C SER B 442 -1.05 24.67 15.37
N PRO B 443 -1.43 25.74 14.63
CA PRO B 443 -0.57 26.55 13.78
C PRO B 443 0.44 27.39 14.57
N GLY B 444 0.27 27.53 15.88
CA GLY B 444 1.16 28.45 16.65
C GLY B 444 0.51 29.80 16.74
N VAL B 445 0.73 30.49 17.86
CA VAL B 445 0.00 31.73 18.16
C VAL B 445 0.37 32.89 17.26
N GLU B 446 1.50 32.78 16.57
CA GLU B 446 1.87 33.79 15.57
C GLU B 446 0.87 33.84 14.37
N ALA B 447 0.14 32.76 14.13
CA ALA B 447 -0.87 32.72 13.07
C ALA B 447 -2.20 33.25 13.65
N GLN B 448 -2.65 34.42 13.19
CA GLN B 448 -3.79 35.11 13.82
C GLN B 448 -4.83 35.64 12.82
N THR B 449 -4.38 36.19 11.71
CA THR B 449 -5.28 36.74 10.70
C THR B 449 -6.01 35.62 9.95
N ASP B 450 -7.16 35.93 9.34
CA ASP B 450 -7.85 34.98 8.46
C ASP B 450 -6.85 34.41 7.45
N GLU B 451 -6.04 35.29 6.85
CA GLU B 451 -5.12 34.87 5.79
C GLU B 451 -4.10 33.86 6.31
N GLU B 452 -3.55 34.13 7.50
CA GLU B 452 -2.56 33.23 8.11
C GLU B 452 -3.19 31.88 8.42
N LEU B 453 -4.41 31.89 8.96
CA LEU B 453 -5.08 30.63 9.28
C LEU B 453 -5.47 29.85 8.02
N GLN B 454 -5.95 30.57 6.98
CA GLN B 454 -6.32 29.95 5.71
C GLN B 454 -5.11 29.24 5.06
N ASP B 455 -3.98 29.94 5.03
CA ASP B 455 -2.75 29.38 4.50
C ASP B 455 -2.38 28.09 5.26
N TYR B 456 -2.51 28.10 6.60
CA TYR B 456 -2.25 26.93 7.44
C TYR B 456 -3.17 25.77 7.06
N ILE B 457 -4.46 26.06 6.95
CA ILE B 457 -5.47 25.01 6.64
C ILE B 457 -5.15 24.39 5.28
N ARG B 458 -4.82 25.24 4.29
CA ARG B 458 -4.57 24.77 2.91
C ARG B 458 -3.43 23.75 2.90
N LYS B 459 -2.40 24.04 3.69
CA LYS B 459 -1.20 23.20 3.81
C LYS B 459 -1.40 21.92 4.63
N THR B 460 -2.15 22.01 5.71
CA THR B 460 -2.12 20.99 6.74
C THR B 460 -3.43 20.27 7.03
N HIS B 461 -4.50 20.56 6.30
CA HIS B 461 -5.78 19.93 6.61
C HIS B 461 -5.70 18.44 6.30
N ASN B 462 -6.60 17.69 6.91
CA ASN B 462 -6.77 16.26 6.62
C ASN B 462 -8.26 16.03 6.35
N THR B 463 -8.74 14.87 6.73
CA THR B 463 -10.13 14.46 6.54
C THR B 463 -10.51 13.70 7.79
N VAL B 464 -11.80 13.65 8.09
CA VAL B 464 -12.27 12.75 9.16
C VAL B 464 -12.40 11.34 8.58
N TYR B 465 -12.07 11.19 7.28
CA TYR B 465 -12.17 9.92 6.55
C TYR B 465 -13.62 9.54 6.22
N HIS B 466 -14.40 10.52 5.77
CA HIS B 466 -15.81 10.30 5.50
C HIS B 466 -16.22 10.55 4.03
N PRO B 467 -15.53 9.94 3.04
CA PRO B 467 -16.06 10.14 1.67
C PRO B 467 -17.43 9.49 1.44
N VAL B 468 -18.38 10.23 0.84
CA VAL B 468 -19.73 9.74 0.53
C VAL B 468 -20.25 10.36 -0.80
N GLY B 469 -21.34 9.82 -1.34
CA GLY B 469 -22.19 10.60 -2.25
C GLY B 469 -21.88 10.42 -3.72
N THR B 470 -20.95 9.51 -4.03
CA THR B 470 -20.47 9.37 -5.41
C THR B 470 -21.42 8.57 -6.34
N VAL B 471 -22.41 7.89 -5.78
CA VAL B 471 -23.41 7.18 -6.61
C VAL B 471 -24.76 7.43 -5.95
N ARG B 472 -25.24 8.66 -6.03
CA ARG B 472 -26.32 9.07 -5.10
C ARG B 472 -27.68 8.51 -5.51
N MET B 473 -28.51 8.28 -4.50
CA MET B 473 -29.93 8.06 -4.73
C MET B 473 -30.60 9.41 -5.02
N GLY B 474 -31.72 9.39 -5.73
CA GLY B 474 -32.50 10.59 -5.97
C GLY B 474 -33.79 10.28 -6.71
N ALA B 475 -34.40 11.32 -7.26
CA ALA B 475 -35.66 11.19 -8.01
C ALA B 475 -35.45 10.29 -9.23
N VAL B 476 -36.41 9.40 -9.48
CA VAL B 476 -36.43 8.58 -10.72
C VAL B 476 -36.10 9.42 -11.96
N GLU B 477 -36.64 10.63 -12.01
CA GLU B 477 -36.45 11.50 -13.18
C GLU B 477 -35.19 12.38 -13.14
N ASP B 478 -34.37 12.27 -12.07
CA ASP B 478 -33.16 13.08 -11.96
C ASP B 478 -31.97 12.32 -12.59
N GLU B 479 -31.56 12.75 -13.78
CA GLU B 479 -30.53 12.03 -14.53
C GLU B 479 -29.18 11.99 -13.80
N MET B 480 -28.93 12.98 -12.92
CA MET B 480 -27.68 13.08 -12.17
C MET B 480 -27.63 12.19 -10.91
N SER B 481 -28.73 11.50 -10.64
CA SER B 481 -28.76 10.54 -9.56
C SER B 481 -28.70 9.16 -10.19
N PRO B 482 -27.59 8.44 -10.02
CA PRO B 482 -27.51 7.09 -10.61
C PRO B 482 -28.49 6.04 -10.06
N LEU B 483 -28.92 6.20 -8.81
CA LEU B 483 -29.84 5.25 -8.15
C LEU B 483 -31.22 5.84 -7.95
N ASP B 484 -32.24 5.00 -8.05
CA ASP B 484 -33.58 5.43 -7.66
C ASP B 484 -33.75 5.30 -6.13
N PRO B 485 -34.94 5.68 -5.62
CA PRO B 485 -35.11 5.63 -4.15
C PRO B 485 -35.10 4.21 -3.55
N GLU B 486 -35.17 3.16 -4.37
CA GLU B 486 -34.99 1.81 -3.85
C GLU B 486 -33.56 1.27 -4.06
N LEU B 487 -32.61 2.19 -4.26
CA LEU B 487 -31.18 1.84 -4.39
C LEU B 487 -30.86 1.03 -5.67
N ARG B 488 -31.80 0.95 -6.60
CA ARG B 488 -31.58 0.24 -7.86
C ARG B 488 -30.82 1.13 -8.85
N VAL B 489 -29.75 0.60 -9.42
CA VAL B 489 -28.99 1.33 -10.45
C VAL B 489 -29.90 1.54 -11.66
N LYS B 490 -30.18 2.79 -12.02
CA LYS B 490 -31.02 3.11 -13.16
C LYS B 490 -30.39 2.62 -14.47
N GLY B 491 -31.25 2.18 -15.40
CA GLY B 491 -30.84 1.76 -16.75
C GLY B 491 -30.51 0.28 -16.88
N VAL B 492 -30.45 -0.40 -15.75
CA VAL B 492 -30.00 -1.77 -15.67
C VAL B 492 -31.03 -2.44 -14.73
N THR B 493 -31.08 -3.77 -14.66
CA THR B 493 -31.93 -4.42 -13.63
C THR B 493 -31.14 -5.46 -12.85
N GLY B 494 -31.61 -5.77 -11.64
CA GLY B 494 -30.98 -6.77 -10.80
C GLY B 494 -29.69 -6.30 -10.12
N LEU B 495 -29.52 -4.98 -10.01
CA LEU B 495 -28.31 -4.40 -9.39
C LEU B 495 -28.68 -3.26 -8.45
N ARG B 496 -28.23 -3.33 -7.21
CA ARG B 496 -28.42 -2.20 -6.31
C ARG B 496 -27.08 -1.77 -5.80
N VAL B 497 -27.04 -0.55 -5.26
CA VAL B 497 -25.86 -0.09 -4.54
C VAL B 497 -26.29 0.24 -3.13
N ALA B 498 -25.52 -0.27 -2.17
CA ALA B 498 -25.76 -0.01 -0.75
C ALA B 498 -24.43 0.19 -0.03
N ASP B 499 -24.06 1.46 0.17
CA ASP B 499 -22.87 1.82 0.93
C ASP B 499 -22.85 3.35 1.04
N ALA B 500 -21.73 3.94 1.45
CA ALA B 500 -21.65 5.41 1.62
C ALA B 500 -21.85 6.22 0.32
N SER B 501 -21.63 5.59 -0.84
CA SER B 501 -21.91 6.25 -2.14
C SER B 501 -23.29 6.87 -2.28
N VAL B 502 -24.27 6.28 -1.65
CA VAL B 502 -25.66 6.57 -1.92
C VAL B 502 -26.19 7.91 -1.38
N MET B 503 -25.41 8.53 -0.46
CA MET B 503 -25.93 9.73 0.24
C MET B 503 -26.14 10.93 -0.70
N PRO B 504 -27.35 11.50 -0.77
CA PRO B 504 -27.53 12.72 -1.60
C PRO B 504 -26.83 13.94 -1.01
N GLU B 505 -26.69 13.93 0.31
CA GLU B 505 -26.07 15.04 1.06
C GLU B 505 -25.42 14.37 2.25
N HIS B 506 -24.23 14.85 2.62
CA HIS B 506 -23.54 14.31 3.76
C HIS B 506 -24.37 14.48 5.02
N VAL B 507 -24.13 13.62 5.98
CA VAL B 507 -24.74 13.76 7.32
C VAL B 507 -23.82 14.63 8.19
N THR B 508 -24.37 15.17 9.27
CA THR B 508 -23.69 16.15 10.12
C THR B 508 -22.58 15.46 10.93
N VAL B 509 -22.79 14.16 11.17
CA VAL B 509 -22.02 13.42 12.15
C VAL B 509 -21.17 12.35 11.44
N ASN B 510 -20.31 11.70 12.20
CA ASN B 510 -19.53 10.56 11.69
C ASN B 510 -20.49 9.49 11.15
N PRO B 511 -20.32 9.07 9.88
CA PRO B 511 -21.36 8.39 9.13
C PRO B 511 -21.46 6.86 9.29
N ASN B 512 -20.56 6.21 10.04
CA ASN B 512 -20.50 4.74 10.02
C ASN B 512 -21.81 4.02 10.34
N ILE B 513 -22.49 4.41 11.42
CA ILE B 513 -23.73 3.76 11.82
C ILE B 513 -24.82 4.00 10.79
N THR B 514 -24.86 5.21 10.23
CA THR B 514 -25.76 5.50 9.12
C THR B 514 -25.53 4.59 7.89
N VAL B 515 -24.27 4.31 7.57
CA VAL B 515 -23.94 3.40 6.46
C VAL B 515 -24.43 1.96 6.78
N MET B 516 -24.18 1.48 7.99
CA MET B 516 -24.78 0.20 8.44
C MET B 516 -26.32 0.19 8.33
N MET B 517 -26.99 1.27 8.75
CA MET B 517 -28.43 1.46 8.53
C MET B 517 -28.85 1.37 7.05
N ILE B 518 -28.04 1.96 6.16
CA ILE B 518 -28.31 1.89 4.72
C ILE B 518 -28.29 0.42 4.23
N GLY B 519 -27.33 -0.35 4.77
CA GLY B 519 -27.27 -1.79 4.54
C GLY B 519 -28.53 -2.52 5.00
N GLU B 520 -28.95 -2.26 6.23
CA GLU B 520 -30.21 -2.76 6.77
C GLU B 520 -31.37 -2.38 5.87
N ARG B 521 -31.43 -1.13 5.40
CA ARG B 521 -32.55 -0.71 4.58
C ARG B 521 -32.55 -1.43 3.24
N CYS B 522 -31.38 -1.58 2.63
CA CYS B 522 -31.27 -2.33 1.36
C CYS B 522 -31.85 -3.76 1.45
N ALA B 523 -31.49 -4.49 2.50
CA ALA B 523 -31.98 -5.87 2.73
C ALA B 523 -33.50 -5.90 2.83
N ASP B 524 -34.05 -4.94 3.58
CA ASP B 524 -35.52 -4.74 3.64
C ASP B 524 -36.18 -4.41 2.29
N LEU B 525 -35.55 -3.53 1.51
CA LEU B 525 -36.07 -3.21 0.19
C LEU B 525 -36.10 -4.45 -0.72
N ILE B 526 -35.01 -5.21 -0.69
CA ILE B 526 -34.89 -6.44 -1.48
C ILE B 526 -35.92 -7.49 -1.04
N ARG B 527 -35.98 -7.76 0.27
CA ARG B 527 -36.92 -8.76 0.83
C ARG B 527 -38.35 -8.39 0.48
N SER B 528 -38.66 -7.11 0.60
CA SER B 528 -39.97 -6.56 0.26
C SER B 528 -40.29 -6.79 -1.22
N ALA B 529 -39.31 -6.58 -2.09
CA ALA B 529 -39.49 -6.83 -3.53
C ALA B 529 -39.68 -8.34 -3.78
N ARG B 530 -38.94 -9.13 -3.00
CA ARG B 530 -39.06 -10.60 -2.83
C ARG B 530 -38.01 -11.45 -3.52
#